data_8G2Y
#
_entry.id   8G2Y
#
_cell.length_a   1.00
_cell.length_b   1.00
_cell.length_c   1.00
_cell.angle_alpha   90.00
_cell.angle_beta   90.00
_cell.angle_gamma   90.00
#
_symmetry.space_group_name_H-M   'P 1'
#
loop_
_entity.id
_entity.type
_entity.pdbx_description
1 polymer 'MiniG alpha s/q chimera'
2 polymer 'Guanine nucleotide-binding protein G(I)/G(S)/G(T) subunit beta-1'
3 polymer 'Guanine nucleotide-binding protein G(I)/G(S)/G(O) subunit gamma-2'
4 polymer 'Nanobody 35'
5 polymer 'Adhesion G-protein-coupled receptor F1'
6 non-polymer [1-MYRISTOYL-GLYCEROL-3-YL]PHOSPHONYLCHOLINE
#
loop_
_entity_poly.entity_id
_entity_poly.type
_entity_poly.pdbx_seq_one_letter_code
_entity_poly.pdbx_strand_id
1 'polypeptide(L)'
;MVFTLEDFVGDWEQTAAYNLDQVLEQGGVSSLLQNLAVSVTPIQRIVRSGENALKIDIHVIIPYEGLSADQMAQIEEVFK
VVYPVDDHHFKVILPYGTLVIDGVTPNMLNYFGRPYEGIAVFDGKKITVTGTLWNGNKIIDERLITPDGSMLFRVTINSG
GGGSGGGGSSGEFEFNSKTEDQRNEEKAQREANKKIEKQLQKDKQVYRATHRLLLLGADNSGKSTIVKQMRILHGGSGGS
GGTSGIFETKFQVDKVNFHMFDVGGQRDERRKWIQCFNDVTAIIFVVDSSDYNRLQEALNLFKSIWNNRWLRTISVILFL
NKQDLLAEKVLAGKSKIEDYFPEFARYTTPEDATPEPGEDPRVTRAKYFIRDEFLRISTASGDGRHYCYPHFTCAVDTEN
ARRIFNDCKDIILQMNLREYNLV
;
A
2 'polypeptide(L)'
;MHHHHHHLEVLFQGPGSSGSELDQLRQEAEQLKNQIRDARKACADATLSQITNNIDPVGRIQMRTRRTLRGHLAKIYAMH
WGTDSRLLVSASQDGKLIIWDSYTTNKVHAIPLRSSWVMTCAYAPSGNYVACGGLDNICSIYNLKTREGNVRVSRELAGH
TGYLSCCRFLDDNQIVTSSGDTTCALWDIETGQQTTTFTGHTGDVMSLSLAPDTRLFVSGACDASAKLWDVREGMCRQTF
TGHESDINAICFFPNGNAFATGSDDATCRLFDLRADQELMTYSHDNIICGITSVSFSKSGRLLLAGYDDFNCNVWDALKA
DRAGVLAGHDNRVSCLGVTDDGMAVATGSWDSFLKIWN
;
B
3 'polypeptide(L)' MASNNTASIAQARKLVEQLKMEANIDRIKVSKAAADLMAYCEAHAKEDPLLTPVPASENPFREKKFFCAIL G
4 'polypeptide(L)'
;MKYLLPTAAAGLLLLAAQPAMAQVQLQESGGGLVQPGGSLRLSCAASGFTFSNYKMNWVRQAPGKGLEWVSDISQSGARI
SYTGSVKGRFTISRDNAKNTLYLQMNSLKPEDTAVYYCARCPAPFTRDCFDVTSTTYAYRGQGTQVTVSSLEVLFQGPGH
HHHHHHHGSEDQVDPRLIDGK
;
N
5 'polypeptide(L)'
;MKTIIALSYIFCLVFADYKDHDGDYKDHDIDYKDDDDKENLYFQTSFSILMSPFVPSTIFPVVKWITYVGLGISIGSLIL
CLIIEALFWKQIKKSQTSHTRRICMVNIALSLLIADVWFIVGATVDTTVNPSGVCTAAVFFTHFFYLSLFFWMLMLGILL
AYRIILVFHHMAQHLMMAVGFCLGYGCPLIISVITIAVTQPSNTYKRKDVCWLNWSNGSKPLLAFVVPALAIVAVNFVVV
LLVLTKLWRPTVGERLSRDDKATIIRVGKSLLILTPLLGLTWGFGIGTIVDSQNLAWHVIFALLNAFQGFFILCFGILLD
SKLRQLLFNKLSALSSWKQTEKQNSSDLSAKPKFSKPFNPLQNKGHYAFSHTGDSSDNIMLTQFVSNEGGGGSGGGGSSG
VTGYRLFEEIL
;
R
#
loop_
_chem_comp.id
_chem_comp.type
_chem_comp.name
_chem_comp.formula
LPC non-polymer [1-MYRISTOYL-GLYCEROL-3-YL]PHOSPHONYLCHOLINE 'C22 H47 N O7 P 1'
#
# COMPACT_ATOMS: atom_id res chain seq x y z
N LYS A 195 0.80 -28.45 -13.64
CA LYS A 195 0.81 -27.16 -14.37
C LYS A 195 -0.07 -26.12 -13.71
N ILE A 196 0.13 -25.93 -12.40
CA ILE A 196 -0.65 -24.93 -11.66
C ILE A 196 -0.33 -23.52 -12.17
N GLU A 197 0.92 -23.29 -12.58
CA GLU A 197 1.28 -21.98 -13.12
C GLU A 197 0.49 -21.64 -14.37
N LYS A 198 0.12 -22.65 -15.16
CA LYS A 198 -0.70 -22.40 -16.34
C LYS A 198 -2.05 -21.82 -15.96
N GLN A 199 -2.68 -22.39 -14.94
CA GLN A 199 -3.94 -21.83 -14.47
C GLN A 199 -3.74 -20.47 -13.82
N LEU A 200 -2.63 -20.29 -13.11
CA LEU A 200 -2.37 -19.01 -12.45
C LEU A 200 -2.14 -17.90 -13.46
N GLN A 201 -1.66 -18.22 -14.66
CA GLN A 201 -1.52 -17.19 -15.69
C GLN A 201 -2.89 -16.64 -16.10
N LYS A 202 -3.85 -17.53 -16.37
CA LYS A 202 -5.20 -17.07 -16.65
C LYS A 202 -5.81 -16.37 -15.46
N ASP A 203 -5.48 -16.81 -14.25
CA ASP A 203 -5.93 -16.11 -13.05
C ASP A 203 -5.37 -14.69 -13.00
N LYS A 204 -4.11 -14.52 -13.38
CA LYS A 204 -3.51 -13.19 -13.44
C LYS A 204 -4.26 -12.32 -14.44
N GLN A 205 -4.56 -12.88 -15.61
CA GLN A 205 -5.28 -12.12 -16.63
C GLN A 205 -6.65 -11.69 -16.11
N VAL A 206 -7.37 -12.61 -15.47
CA VAL A 206 -8.70 -12.29 -14.95
C VAL A 206 -8.61 -11.24 -13.86
N TYR A 207 -7.63 -11.38 -12.96
CA TYR A 207 -7.51 -10.45 -11.83
C TYR A 207 -7.17 -9.05 -12.32
N ARG A 208 -6.17 -8.92 -13.18
CA ARG A 208 -5.83 -7.61 -13.71
C ARG A 208 -6.91 -7.05 -14.61
N ALA A 209 -7.76 -7.91 -15.18
CA ALA A 209 -8.85 -7.42 -16.02
C ALA A 209 -9.85 -6.61 -15.20
N THR A 210 -10.17 -7.07 -13.99
CA THR A 210 -11.19 -6.43 -13.16
C THR A 210 -10.55 -5.35 -12.29
N HIS A 211 -10.96 -4.11 -12.52
CA HIS A 211 -10.53 -2.99 -11.69
C HIS A 211 -11.52 -2.83 -10.54
N ARG A 212 -11.04 -3.04 -9.32
CA ARG A 212 -11.90 -3.05 -8.15
C ARG A 212 -12.28 -1.62 -7.73
N LEU A 213 -13.23 -1.52 -6.82
CA LEU A 213 -13.64 -0.25 -6.25
C LEU A 213 -14.02 -0.48 -4.78
N LEU A 214 -14.60 0.53 -4.16
CA LEU A 214 -15.20 0.42 -2.84
C LEU A 214 -16.25 1.50 -2.75
N LEU A 215 -17.26 1.26 -1.92
CA LEU A 215 -18.35 2.21 -1.70
C LEU A 215 -18.38 2.57 -0.22
N LEU A 216 -18.54 3.86 0.07
CA LEU A 216 -18.58 4.32 1.45
C LEU A 216 -19.50 5.53 1.53
N GLY A 217 -20.30 5.57 2.59
CA GLY A 217 -21.18 6.70 2.81
C GLY A 217 -21.99 6.51 4.07
N ALA A 218 -22.81 7.51 4.37
CA ALA A 218 -23.69 7.45 5.51
C ALA A 218 -24.89 6.56 5.22
N ASP A 219 -25.63 6.21 6.27
CA ASP A 219 -26.78 5.32 6.12
C ASP A 219 -27.86 5.99 5.27
N ASN A 220 -28.17 7.26 5.55
CA ASN A 220 -29.22 7.94 4.81
C ASN A 220 -28.79 8.32 3.39
N SER A 221 -27.48 8.39 3.13
CA SER A 221 -27.01 8.76 1.81
C SER A 221 -27.43 7.72 0.78
N GLY A 222 -27.64 8.17 -0.45
CA GLY A 222 -28.13 7.30 -1.50
C GLY A 222 -27.09 6.35 -2.02
N LYS A 223 -26.65 5.41 -1.18
CA LYS A 223 -25.70 4.40 -1.65
C LYS A 223 -26.31 3.51 -2.72
N SER A 224 -27.56 3.11 -2.54
CA SER A 224 -28.17 2.14 -3.43
C SER A 224 -28.37 2.69 -4.84
N THR A 225 -28.77 3.97 -4.95
CA THR A 225 -29.12 4.52 -6.25
C THR A 225 -27.92 4.55 -7.20
N ILE A 226 -26.71 4.70 -6.67
CA ILE A 226 -25.52 4.74 -7.50
C ILE A 226 -25.10 3.31 -7.85
N ILE A 246 -21.44 -8.24 2.95
CA ILE A 246 -20.80 -7.41 1.93
C ILE A 246 -21.49 -7.64 0.59
N PHE A 247 -21.85 -6.55 -0.09
CA PHE A 247 -22.55 -6.61 -1.36
C PHE A 247 -21.56 -6.40 -2.49
N GLU A 248 -21.53 -7.34 -3.44
CA GLU A 248 -20.72 -7.25 -4.64
C GLU A 248 -21.63 -7.01 -5.84
N THR A 249 -21.29 -6.00 -6.64
CA THR A 249 -22.07 -5.66 -7.84
C THR A 249 -21.07 -5.46 -8.98
N LYS A 250 -20.78 -6.54 -9.70
CA LYS A 250 -19.92 -6.46 -10.87
C LYS A 250 -20.71 -5.93 -12.05
N PHE A 251 -20.15 -4.94 -12.74
CA PHE A 251 -20.79 -4.37 -13.92
C PHE A 251 -19.73 -3.94 -14.92
N GLN A 252 -20.08 -4.00 -16.21
CA GLN A 252 -19.16 -3.72 -17.29
C GLN A 252 -19.58 -2.45 -18.02
N VAL A 253 -18.59 -1.63 -18.36
CA VAL A 253 -18.80 -0.43 -19.18
C VAL A 253 -17.65 -0.33 -20.17
N ASP A 254 -17.98 -0.05 -21.43
CA ASP A 254 -16.99 0.10 -22.50
C ASP A 254 -16.10 -1.13 -22.61
N LYS A 255 -16.67 -2.31 -22.35
CA LYS A 255 -15.95 -3.58 -22.43
C LYS A 255 -14.83 -3.68 -21.39
N VAL A 256 -14.98 -3.02 -20.24
CA VAL A 256 -14.10 -3.24 -19.09
C VAL A 256 -14.98 -3.43 -17.86
N ASN A 257 -14.63 -4.40 -17.03
CA ASN A 257 -15.46 -4.85 -15.91
C ASN A 257 -14.94 -4.26 -14.61
N PHE A 258 -15.81 -3.56 -13.89
CA PHE A 258 -15.56 -3.11 -12.53
C PHE A 258 -16.30 -4.02 -11.56
N HIS A 259 -15.70 -4.25 -10.39
CA HIS A 259 -16.25 -5.11 -9.36
C HIS A 259 -16.21 -4.33 -8.04
N MET A 260 -17.23 -3.51 -7.80
CA MET A 260 -17.25 -2.66 -6.63
C MET A 260 -17.68 -3.47 -5.41
N PHE A 261 -17.66 -2.82 -4.24
CA PHE A 261 -18.04 -3.44 -2.98
C PHE A 261 -18.78 -2.42 -2.14
N ASP A 262 -19.88 -2.86 -1.53
CA ASP A 262 -20.67 -2.05 -0.60
C ASP A 262 -20.75 -2.85 0.69
N VAL A 263 -19.90 -2.48 1.65
CA VAL A 263 -19.82 -3.18 2.92
C VAL A 263 -20.87 -2.58 3.87
N GLY A 264 -21.81 -3.42 4.31
CA GLY A 264 -22.90 -2.98 5.16
C GLY A 264 -23.10 -3.81 6.41
N GLY A 265 -22.58 -5.04 6.42
CA GLY A 265 -22.78 -5.92 7.55
C GLY A 265 -21.90 -5.63 8.76
N GLN A 266 -20.85 -4.84 8.59
CA GLN A 266 -19.86 -4.63 9.63
C GLN A 266 -20.29 -3.50 10.56
N ARG A 267 -19.73 -3.53 11.77
CA ARG A 267 -20.03 -2.50 12.76
C ARG A 267 -19.40 -1.17 12.35
N ASP A 268 -19.77 -0.11 13.08
CA ASP A 268 -19.41 1.24 12.68
C ASP A 268 -17.93 1.54 12.88
N GLU A 269 -17.19 0.72 13.63
CA GLU A 269 -15.78 0.98 13.88
C GLU A 269 -14.97 0.55 12.66
N ARG A 270 -14.33 1.51 11.97
CA ARG A 270 -13.71 1.27 10.67
C ARG A 270 -12.19 1.42 10.69
N ARG A 271 -11.56 1.34 11.87
CA ARG A 271 -10.11 1.44 11.97
C ARG A 271 -9.43 0.08 11.81
N LYS A 272 -10.17 -0.93 11.35
CA LYS A 272 -9.75 -2.32 11.47
C LYS A 272 -9.81 -3.04 10.14
N TRP A 273 -10.85 -2.75 9.34
CA TRP A 273 -11.06 -3.35 8.03
C TRP A 273 -10.93 -2.37 6.89
N ILE A 274 -10.89 -1.06 7.15
CA ILE A 274 -10.61 -0.12 6.08
C ILE A 274 -9.17 -0.30 5.60
N GLN A 275 -8.26 -0.70 6.50
CA GLN A 275 -6.85 -0.82 6.14
C GLN A 275 -6.65 -1.84 5.03
N CYS A 276 -7.54 -2.82 4.92
CA CYS A 276 -7.47 -3.84 3.88
C CYS A 276 -8.29 -3.48 2.64
N PHE A 277 -8.45 -2.19 2.36
CA PHE A 277 -9.01 -1.70 1.11
C PHE A 277 -8.08 -0.67 0.50
N ASN A 278 -6.78 -1.01 0.47
CA ASN A 278 -5.75 -0.13 -0.03
C ASN A 278 -5.27 -0.48 -1.44
N ASP A 279 -5.52 -1.71 -1.90
CA ASP A 279 -5.30 -2.08 -3.29
C ASP A 279 -6.45 -1.66 -4.21
N VAL A 280 -7.53 -1.09 -3.64
CA VAL A 280 -8.65 -0.64 -4.46
C VAL A 280 -8.18 0.45 -5.41
N THR A 281 -8.73 0.43 -6.62
CA THR A 281 -8.38 1.45 -7.60
C THR A 281 -8.85 2.83 -7.17
N ALA A 282 -10.05 2.92 -6.58
CA ALA A 282 -10.57 4.19 -6.11
C ALA A 282 -11.73 3.93 -5.18
N ILE A 283 -11.82 4.73 -4.10
CA ILE A 283 -12.93 4.66 -3.17
C ILE A 283 -13.99 5.66 -3.60
N ILE A 284 -15.22 5.19 -3.78
CA ILE A 284 -16.36 6.06 -4.00
C ILE A 284 -16.88 6.49 -2.64
N PHE A 285 -17.02 7.79 -2.46
CA PHE A 285 -17.49 8.39 -1.22
C PHE A 285 -18.79 9.14 -1.54
N VAL A 286 -19.92 8.51 -1.23
CA VAL A 286 -21.22 9.15 -1.40
C VAL A 286 -21.57 9.86 -0.10
N VAL A 287 -21.97 11.12 -0.21
CA VAL A 287 -22.21 11.97 0.95
C VAL A 287 -23.58 12.61 0.81
N ASP A 288 -24.38 12.54 1.86
CA ASP A 288 -25.62 13.31 1.91
C ASP A 288 -25.27 14.79 1.89
N SER A 289 -25.99 15.54 1.04
CA SER A 289 -25.77 16.97 0.88
C SER A 289 -27.04 17.77 1.16
N SER A 290 -27.91 17.23 2.01
CA SER A 290 -29.07 17.96 2.50
C SER A 290 -29.17 17.88 4.02
N ASP A 291 -28.70 16.78 4.61
CA ASP A 291 -28.66 16.61 6.05
C ASP A 291 -27.44 17.36 6.58
N TYR A 292 -27.66 18.63 6.96
CA TYR A 292 -26.56 19.45 7.44
C TYR A 292 -25.99 18.90 8.74
N ASN A 293 -26.86 18.39 9.62
CA ASN A 293 -26.42 17.90 10.92
C ASN A 293 -25.36 16.82 10.79
N ARG A 294 -25.51 15.95 9.80
CA ARG A 294 -24.53 14.89 9.57
C ARG A 294 -23.33 15.35 8.76
N LEU A 295 -23.42 16.49 8.07
CA LEU A 295 -22.41 16.86 7.08
C LEU A 295 -21.03 16.96 7.72
N GLN A 296 -20.94 17.65 8.85
CA GLN A 296 -19.68 17.78 9.56
C GLN A 296 -19.09 16.41 9.87
N GLU A 297 -19.92 15.48 10.35
CA GLU A 297 -19.44 14.14 10.65
C GLU A 297 -18.87 13.50 9.40
N ALA A 298 -19.56 13.66 8.26
CA ALA A 298 -19.06 13.11 7.01
C ALA A 298 -17.69 13.69 6.69
N LEU A 299 -17.52 15.00 6.88
CA LEU A 299 -16.22 15.62 6.63
C LEU A 299 -15.14 14.95 7.46
N ASN A 300 -15.44 14.68 8.72
CA ASN A 300 -14.44 14.05 9.58
C ASN A 300 -14.07 12.68 9.03
N LEU A 301 -15.05 11.93 8.56
CA LEU A 301 -14.75 10.65 7.94
C LEU A 301 -13.78 10.82 6.78
N PHE A 302 -14.03 11.84 5.95
CA PHE A 302 -13.15 12.08 4.82
C PHE A 302 -11.73 12.38 5.31
N LYS A 303 -11.62 13.14 6.40
CA LYS A 303 -10.30 13.41 6.97
C LYS A 303 -9.61 12.11 7.32
N SER A 304 -10.31 11.21 7.99
CA SER A 304 -9.69 9.96 8.40
C SER A 304 -9.33 9.09 7.21
N ILE A 305 -9.95 9.32 6.05
CA ILE A 305 -9.56 8.58 4.85
C ILE A 305 -8.38 9.25 4.15
N TRP A 306 -8.27 10.58 4.27
CA TRP A 306 -7.20 11.27 3.57
C TRP A 306 -5.86 11.09 4.26
N ASN A 307 -5.85 11.09 5.59
CA ASN A 307 -4.64 11.12 6.38
C ASN A 307 -4.11 9.74 6.75
N ASN A 308 -4.81 8.67 6.38
CA ASN A 308 -4.38 7.34 6.81
C ASN A 308 -3.05 6.95 6.18
N ARG A 309 -2.27 6.17 6.92
CA ARG A 309 -0.96 5.73 6.46
C ARG A 309 -1.03 4.66 5.38
N TRP A 310 -2.20 4.08 5.13
CA TRP A 310 -2.39 3.04 4.13
C TRP A 310 -3.22 3.48 2.93
N LEU A 311 -4.24 4.31 3.14
CA LEU A 311 -5.06 4.83 2.06
C LEU A 311 -4.53 6.14 1.50
N ARG A 312 -3.24 6.43 1.70
CA ARG A 312 -2.68 7.67 1.17
C ARG A 312 -2.51 7.62 -0.34
N THR A 313 -2.24 6.44 -0.89
CA THR A 313 -1.94 6.33 -2.32
C THR A 313 -3.20 6.42 -3.17
N ILE A 314 -4.31 5.85 -2.70
CA ILE A 314 -5.49 5.68 -3.54
C ILE A 314 -6.33 6.95 -3.53
N SER A 315 -6.85 7.32 -4.70
CA SER A 315 -7.66 8.51 -4.86
C SER A 315 -9.09 8.25 -4.36
N VAL A 316 -9.90 9.29 -4.35
CA VAL A 316 -11.29 9.23 -3.89
C VAL A 316 -12.17 9.94 -4.91
N ILE A 317 -13.27 9.29 -5.29
CA ILE A 317 -14.28 9.87 -6.17
C ILE A 317 -15.48 10.22 -5.29
N LEU A 318 -15.77 11.51 -5.19
CA LEU A 318 -16.78 12.01 -4.27
C LEU A 318 -18.08 12.26 -5.03
N PHE A 319 -19.19 11.76 -4.48
CA PHE A 319 -20.53 12.05 -4.99
C PHE A 319 -21.29 12.78 -3.90
N LEU A 320 -21.94 13.88 -4.27
CA LEU A 320 -22.76 14.67 -3.34
C LEU A 320 -24.22 14.38 -3.67
N ASN A 321 -24.78 13.36 -3.04
CA ASN A 321 -26.09 12.85 -3.39
C ASN A 321 -27.18 13.85 -2.99
N LYS A 322 -28.38 13.60 -3.51
CA LYS A 322 -29.59 14.32 -3.11
C LYS A 322 -29.49 15.82 -3.42
N GLN A 323 -29.08 16.14 -4.63
CA GLN A 323 -28.99 17.54 -5.02
C GLN A 323 -30.37 18.16 -5.18
N ASP A 324 -31.35 17.39 -5.68
CA ASP A 324 -32.70 17.91 -5.80
C ASP A 324 -33.28 18.24 -4.44
N LEU A 325 -33.04 17.37 -3.45
CA LEU A 325 -33.50 17.65 -2.09
C LEU A 325 -32.83 18.90 -1.53
N LEU A 326 -31.55 19.09 -1.81
CA LEU A 326 -30.85 20.29 -1.36
C LEU A 326 -31.44 21.54 -2.00
N ALA A 327 -31.75 21.47 -3.30
CA ALA A 327 -32.36 22.61 -3.97
C ALA A 327 -33.73 22.93 -3.36
N GLU A 328 -34.53 21.91 -3.10
CA GLU A 328 -35.84 22.13 -2.49
C GLU A 328 -35.70 22.74 -1.11
N LYS A 329 -34.72 22.27 -0.33
CA LYS A 329 -34.53 22.80 1.02
C LYS A 329 -34.07 24.24 1.00
N VAL A 330 -33.05 24.54 0.20
CA VAL A 330 -32.49 25.89 0.19
C VAL A 330 -33.46 26.89 -0.42
N LEU A 331 -34.29 26.46 -1.37
CA LEU A 331 -35.29 27.38 -1.92
C LEU A 331 -36.29 27.82 -0.85
N ALA A 332 -36.69 26.89 0.01
CA ALA A 332 -37.64 27.21 1.08
C ALA A 332 -37.06 28.24 2.04
N TYR A 340 -24.94 26.45 11.44
CA TYR A 340 -24.12 25.24 11.48
C TYR A 340 -22.70 25.56 11.04
N PHE A 341 -22.57 26.17 9.85
CA PHE A 341 -21.29 26.60 9.32
C PHE A 341 -21.25 28.12 9.35
N PRO A 342 -20.47 28.78 10.23
CA PRO A 342 -20.44 30.25 10.21
C PRO A 342 -19.58 30.80 9.09
N GLU A 343 -18.71 30.00 8.47
CA GLU A 343 -17.90 30.47 7.37
C GLU A 343 -18.73 30.78 6.12
N PHE A 344 -19.97 30.31 6.06
CA PHE A 344 -20.80 30.55 4.88
C PHE A 344 -21.09 32.03 4.69
N ALA A 345 -21.12 32.80 5.78
CA ALA A 345 -21.40 34.23 5.67
C ALA A 345 -20.33 34.93 4.86
N ARG A 346 -19.06 34.63 5.14
CA ARG A 346 -17.92 35.18 4.41
C ARG A 346 -17.48 34.26 3.28
N TYR A 347 -18.42 33.89 2.40
CA TYR A 347 -18.17 33.00 1.29
C TYR A 347 -18.85 33.53 0.04
N THR A 348 -18.20 33.29 -1.11
CA THR A 348 -18.70 33.71 -2.41
C THR A 348 -18.63 32.54 -3.37
N THR A 349 -19.52 32.55 -4.36
CA THR A 349 -19.59 31.45 -5.32
C THR A 349 -18.31 31.44 -6.16
N PRO A 350 -17.66 30.26 -6.35
CA PRO A 350 -16.51 30.28 -7.27
C PRO A 350 -16.89 30.60 -8.71
N ASP A 360 -32.00 30.68 -7.66
CA ASP A 360 -31.00 29.96 -8.45
C ASP A 360 -29.57 30.20 -7.95
N PRO A 361 -29.18 31.47 -7.72
CA PRO A 361 -27.84 31.71 -7.14
C PRO A 361 -27.63 31.04 -5.80
N ARG A 362 -28.67 30.98 -4.95
CA ARG A 362 -28.50 30.42 -3.61
C ARG A 362 -28.17 28.93 -3.67
N VAL A 363 -28.86 28.18 -4.52
CA VAL A 363 -28.65 26.74 -4.57
C VAL A 363 -27.26 26.41 -5.08
N THR A 364 -26.81 27.08 -6.14
CA THR A 364 -25.47 26.84 -6.65
C THR A 364 -24.42 27.29 -5.64
N ARG A 365 -24.70 28.37 -4.90
CA ARG A 365 -23.79 28.81 -3.86
C ARG A 365 -23.63 27.73 -2.80
N ALA A 366 -24.74 27.14 -2.35
CA ALA A 366 -24.66 26.10 -1.33
C ALA A 366 -23.93 24.87 -1.85
N LYS A 367 -24.26 24.45 -3.07
CA LYS A 367 -23.60 23.28 -3.66
C LYS A 367 -22.10 23.48 -3.75
N TYR A 368 -21.68 24.59 -4.34
CA TYR A 368 -20.25 24.81 -4.53
C TYR A 368 -19.57 25.08 -3.19
N PHE A 369 -20.30 25.62 -2.21
CA PHE A 369 -19.72 25.78 -0.88
C PHE A 369 -19.40 24.44 -0.26
N ILE A 370 -20.33 23.47 -0.36
CA ILE A 370 -20.06 22.15 0.19
C ILE A 370 -18.91 21.48 -0.57
N ARG A 371 -18.92 21.61 -1.89
CA ARG A 371 -17.83 21.04 -2.69
C ARG A 371 -16.48 21.63 -2.30
N ASP A 372 -16.42 22.95 -2.10
CA ASP A 372 -15.17 23.57 -1.69
C ASP A 372 -14.80 23.18 -0.26
N GLU A 373 -15.79 22.97 0.60
CA GLU A 373 -15.50 22.51 1.95
C GLU A 373 -14.82 21.15 1.93
N PHE A 374 -15.24 20.28 1.02
CA PHE A 374 -14.54 18.99 0.90
C PHE A 374 -13.19 19.16 0.20
N LEU A 375 -13.12 20.00 -0.83
CA LEU A 375 -11.88 20.12 -1.59
C LEU A 375 -10.78 20.80 -0.77
N ARG A 376 -11.14 21.65 0.18
CA ARG A 376 -10.14 22.29 1.01
C ARG A 376 -9.35 21.26 1.80
N ILE A 377 -10.05 20.33 2.45
CA ILE A 377 -9.36 19.25 3.14
C ILE A 377 -8.71 18.31 2.15
N SER A 378 -9.29 18.15 0.95
CA SER A 378 -8.69 17.27 -0.05
C SER A 378 -7.30 17.74 -0.45
N THR A 379 -7.15 19.04 -0.71
CA THR A 379 -5.89 19.62 -1.15
C THR A 379 -5.04 20.16 0.01
N ALA A 380 -5.49 20.00 1.25
CA ALA A 380 -4.71 20.50 2.38
C ALA A 380 -3.37 19.77 2.49
N SER A 381 -3.38 18.45 2.32
CA SER A 381 -2.17 17.65 2.44
C SER A 381 -2.25 16.46 1.50
N GLY A 382 -1.09 15.95 1.13
CA GLY A 382 -1.02 14.77 0.26
C GLY A 382 -1.62 14.98 -1.10
N ASP A 383 -1.35 16.13 -1.73
CA ASP A 383 -1.92 16.40 -3.05
C ASP A 383 -1.23 15.59 -4.13
N GLY A 384 0.10 15.46 -4.05
CA GLY A 384 0.83 14.79 -5.11
C GLY A 384 0.51 13.31 -5.22
N ARG A 385 0.43 12.62 -4.09
CA ARG A 385 0.24 11.17 -4.11
C ARG A 385 -1.12 10.80 -4.68
N HIS A 386 -2.15 11.58 -4.36
CA HIS A 386 -3.51 11.28 -4.79
C HIS A 386 -4.32 12.57 -4.85
N TYR A 387 -5.40 12.52 -5.61
CA TYR A 387 -6.27 13.67 -5.81
C TYR A 387 -7.73 13.22 -5.78
N CYS A 388 -8.60 14.10 -5.31
CA CYS A 388 -10.03 13.82 -5.19
C CYS A 388 -10.78 14.35 -6.41
N TYR A 389 -11.81 13.62 -6.82
CA TYR A 389 -12.65 13.98 -7.96
C TYR A 389 -14.08 14.25 -7.50
N PRO A 390 -14.52 15.50 -7.34
CA PRO A 390 -15.89 15.73 -6.89
C PRO A 390 -16.90 15.63 -8.02
N HIS A 391 -18.14 15.29 -7.65
CA HIS A 391 -19.24 15.16 -8.58
C HIS A 391 -20.55 15.42 -7.85
N PHE A 392 -21.47 16.10 -8.54
CA PHE A 392 -22.83 16.30 -8.08
C PHE A 392 -23.74 15.31 -8.80
N THR A 393 -24.42 14.45 -8.04
CA THR A 393 -25.33 13.46 -8.60
C THR A 393 -26.68 13.60 -7.94
N CYS A 394 -27.74 13.67 -8.75
CA CYS A 394 -29.10 13.69 -8.24
C CYS A 394 -29.49 12.27 -7.84
N ALA A 395 -30.75 12.09 -7.46
CA ALA A 395 -31.29 10.78 -7.11
C ALA A 395 -31.99 10.09 -8.27
N VAL A 396 -31.93 10.67 -9.48
CA VAL A 396 -32.67 10.16 -10.64
C VAL A 396 -31.74 9.95 -11.84
N ASP A 397 -30.56 10.55 -11.82
CA ASP A 397 -29.67 10.43 -12.97
C ASP A 397 -29.10 9.01 -13.08
N THR A 398 -28.71 8.66 -14.31
CA THR A 398 -28.17 7.33 -14.61
C THR A 398 -26.82 7.41 -15.33
N GLU A 399 -26.12 8.54 -15.23
CA GLU A 399 -24.83 8.74 -15.85
C GLU A 399 -23.66 8.44 -14.92
N ASN A 400 -23.91 7.80 -13.78
CA ASN A 400 -22.85 7.56 -12.80
C ASN A 400 -21.78 6.63 -13.35
N ALA A 401 -22.19 5.62 -14.13
CA ALA A 401 -21.23 4.65 -14.65
C ALA A 401 -20.19 5.32 -15.55
N ARG A 402 -20.63 6.22 -16.43
CA ARG A 402 -19.69 6.92 -17.29
C ARG A 402 -18.76 7.81 -16.48
N ARG A 403 -19.28 8.47 -15.45
CA ARG A 403 -18.46 9.34 -14.62
C ARG A 403 -17.37 8.57 -13.91
N ILE A 404 -17.73 7.44 -13.28
CA ILE A 404 -16.73 6.65 -12.59
C ILE A 404 -15.76 6.03 -13.58
N PHE A 405 -16.22 5.65 -14.77
CA PHE A 405 -15.31 5.12 -15.78
C PHE A 405 -14.27 6.15 -16.17
N ASN A 406 -14.70 7.38 -16.42
CA ASN A 406 -13.76 8.43 -16.78
C ASN A 406 -12.79 8.73 -15.64
N ASP A 407 -13.30 8.77 -14.41
CA ASP A 407 -12.42 9.06 -13.27
C ASP A 407 -11.40 7.94 -13.07
N CYS A 408 -11.81 6.69 -13.22
CA CYS A 408 -10.87 5.58 -13.10
C CYS A 408 -9.82 5.63 -14.21
N LYS A 409 -10.23 5.98 -15.43
CA LYS A 409 -9.29 6.13 -16.52
C LYS A 409 -8.26 7.20 -16.20
N ASP A 410 -8.72 8.34 -15.67
CA ASP A 410 -7.81 9.42 -15.31
C ASP A 410 -6.85 8.98 -14.20
N ILE A 411 -7.36 8.25 -13.22
CA ILE A 411 -6.51 7.80 -12.11
C ILE A 411 -5.44 6.87 -12.62
N ILE A 412 -5.81 5.92 -13.47
CA ILE A 412 -4.83 4.95 -13.98
C ILE A 412 -3.79 5.68 -14.84
N LEU A 413 -4.23 6.68 -15.61
CA LEU A 413 -3.29 7.48 -16.37
C LEU A 413 -2.29 8.18 -15.45
N GLN A 414 -2.79 8.71 -14.32
CA GLN A 414 -1.89 9.41 -13.40
C GLN A 414 -0.89 8.45 -12.75
N MET A 415 -1.33 7.23 -12.39
CA MET A 415 -0.35 6.27 -11.88
C MET A 415 0.68 5.91 -12.94
N ASN A 416 0.26 5.73 -14.19
CA ASN A 416 1.20 5.39 -15.24
C ASN A 416 2.22 6.50 -15.45
N LEU A 417 1.77 7.75 -15.41
CA LEU A 417 2.71 8.87 -15.50
C LEU A 417 3.63 8.90 -14.28
N ARG A 418 3.10 8.60 -13.09
CA ARG A 418 3.91 8.64 -11.88
C ARG A 418 5.04 7.63 -11.95
N GLU A 419 4.75 6.42 -12.46
CA GLU A 419 5.80 5.41 -12.58
C GLU A 419 6.87 5.81 -13.60
N TYR A 420 6.55 6.74 -14.50
CA TYR A 420 7.49 7.22 -15.51
C TYR A 420 8.26 8.47 -15.08
N ASN A 421 8.00 9.02 -13.90
CA ASN A 421 8.67 10.20 -13.35
C ASN A 421 8.39 11.46 -14.16
N LEU A 422 7.46 11.43 -15.10
CA LEU A 422 7.14 12.62 -15.87
C LEU A 422 6.49 13.70 -15.01
N VAL A 423 5.61 13.28 -14.10
CA VAL A 423 4.96 14.23 -13.19
C VAL A 423 5.88 14.52 -12.02
N GLY B 59 22.93 -13.76 22.17
CA GLY B 59 23.79 -12.92 21.37
C GLY B 59 23.04 -12.17 20.29
N ARG B 60 23.60 -12.18 19.07
CA ARG B 60 23.00 -11.55 17.91
C ARG B 60 22.64 -12.63 16.89
N ILE B 61 21.38 -12.60 16.44
CA ILE B 61 20.85 -13.61 15.53
C ILE B 61 20.95 -13.08 14.10
N GLN B 62 21.49 -13.91 13.21
CA GLN B 62 21.77 -13.52 11.84
C GLN B 62 21.01 -14.38 10.85
N MET B 63 19.72 -14.60 11.10
CA MET B 63 18.91 -15.39 10.19
C MET B 63 18.83 -14.74 8.81
N ARG B 64 18.85 -15.56 7.77
CA ARG B 64 18.82 -15.12 6.38
C ARG B 64 17.77 -15.92 5.62
N THR B 65 17.36 -15.37 4.47
CA THR B 65 16.29 -15.97 3.68
C THR B 65 16.70 -17.37 3.21
N ARG B 66 16.08 -18.40 3.78
CA ARG B 66 16.32 -19.76 3.30
C ARG B 66 15.55 -20.03 2.01
N ARG B 67 14.35 -19.45 1.89
CA ARG B 67 13.50 -19.71 0.73
C ARG B 67 12.58 -18.52 0.50
N THR B 68 12.13 -18.38 -0.74
CA THR B 68 11.22 -17.30 -1.13
C THR B 68 10.15 -17.87 -2.04
N LEU B 69 8.89 -17.77 -1.62
CA LEU B 69 7.75 -18.25 -2.38
C LEU B 69 7.02 -17.03 -2.94
N ARG B 70 6.92 -16.95 -4.26
CA ARG B 70 6.50 -15.74 -4.97
C ARG B 70 5.48 -16.07 -6.06
N GLY B 71 4.44 -16.82 -5.69
CA GLY B 71 3.42 -17.24 -6.64
C GLY B 71 2.11 -16.49 -6.55
N HIS B 72 1.93 -15.69 -5.51
CA HIS B 72 0.65 -15.03 -5.29
C HIS B 72 0.46 -13.86 -6.25
N LEU B 73 -0.79 -13.62 -6.61
CA LEU B 73 -1.11 -12.56 -7.55
C LEU B 73 -1.04 -11.19 -6.89
N ALA B 74 -1.47 -11.10 -5.63
CA ALA B 74 -1.55 -9.83 -4.92
C ALA B 74 -1.16 -10.09 -3.47
N LYS B 75 -1.44 -9.11 -2.61
CA LYS B 75 -1.00 -9.14 -1.22
C LYS B 75 -1.60 -10.34 -0.49
N ILE B 76 -0.83 -10.88 0.47
CA ILE B 76 -1.28 -11.98 1.31
C ILE B 76 -1.64 -11.44 2.68
N TYR B 77 -2.60 -12.10 3.33
CA TYR B 77 -3.13 -11.65 4.62
C TYR B 77 -2.78 -12.55 5.79
N ALA B 78 -2.44 -13.81 5.56
CA ALA B 78 -2.14 -14.71 6.67
C ALA B 78 -1.48 -15.96 6.09
N MET B 79 -1.26 -16.95 6.94
CA MET B 79 -0.66 -18.22 6.58
C MET B 79 -0.68 -19.09 7.83
N HIS B 80 -0.31 -20.36 7.68
CA HIS B 80 -0.21 -21.25 8.83
C HIS B 80 0.59 -22.47 8.41
N TRP B 81 1.41 -22.97 9.33
CA TRP B 81 2.23 -24.14 9.04
C TRP B 81 1.40 -25.41 9.21
N GLY B 82 1.99 -26.52 8.77
CA GLY B 82 1.34 -27.82 8.88
C GLY B 82 1.27 -28.30 10.31
N LEU B 87 4.30 -28.61 4.61
CA LEU B 87 3.39 -27.83 3.77
C LEU B 87 3.13 -26.48 4.42
N LEU B 88 2.51 -25.56 3.67
CA LEU B 88 2.33 -24.20 4.16
C LEU B 88 1.17 -23.56 3.40
N VAL B 89 0.08 -23.28 4.09
CA VAL B 89 -1.07 -22.62 3.46
C VAL B 89 -0.86 -21.11 3.50
N SER B 90 -1.42 -20.42 2.53
CA SER B 90 -1.30 -18.97 2.45
C SER B 90 -2.52 -18.39 1.73
N ALA B 91 -3.11 -17.36 2.34
CA ALA B 91 -4.34 -16.74 1.86
C ALA B 91 -4.04 -15.37 1.27
N SER B 92 -4.57 -15.12 0.08
CA SER B 92 -4.30 -13.92 -0.70
C SER B 92 -5.53 -13.03 -0.76
N GLN B 93 -5.35 -11.86 -1.36
CA GLN B 93 -6.44 -10.94 -1.63
C GLN B 93 -7.12 -11.20 -2.97
N ASP B 94 -6.38 -11.72 -3.94
CA ASP B 94 -6.98 -12.01 -5.24
C ASP B 94 -8.02 -13.12 -5.13
N GLY B 95 -7.86 -14.03 -4.17
CA GLY B 95 -8.81 -15.11 -3.95
C GLY B 95 -8.14 -16.44 -3.71
N LYS B 96 -6.98 -16.66 -4.32
CA LYS B 96 -6.32 -17.95 -4.22
C LYS B 96 -5.92 -18.24 -2.78
N LEU B 97 -6.01 -19.50 -2.39
CA LEU B 97 -5.60 -20.00 -1.08
C LEU B 97 -4.61 -21.12 -1.36
N ILE B 98 -3.35 -20.76 -1.53
CA ILE B 98 -2.37 -21.68 -2.10
C ILE B 98 -1.71 -22.47 -0.98
N ILE B 99 -1.63 -23.80 -1.15
CA ILE B 99 -0.98 -24.71 -0.16
C ILE B 99 0.45 -24.95 -0.65
N TRP B 100 1.36 -24.01 -0.39
CA TRP B 100 2.77 -24.07 -0.85
C TRP B 100 3.53 -25.28 -0.32
N ASP B 101 4.62 -25.67 -0.99
CA ASP B 101 5.54 -26.72 -0.47
C ASP B 101 6.70 -25.92 0.14
N SER B 102 7.15 -26.26 1.34
CA SER B 102 8.19 -25.46 2.04
C SER B 102 9.59 -25.80 1.50
N TYR B 103 9.88 -27.09 1.26
CA TYR B 103 11.22 -27.51 0.87
C TYR B 103 11.47 -27.31 -0.62
N THR B 104 10.49 -27.68 -1.46
CA THR B 104 10.64 -27.61 -2.91
C THR B 104 10.02 -26.36 -3.53
N THR B 105 9.17 -25.64 -2.80
CA THR B 105 8.51 -24.41 -3.24
C THR B 105 7.47 -24.65 -4.33
N ASN B 106 7.12 -25.90 -4.62
CA ASN B 106 6.09 -26.19 -5.60
C ASN B 106 4.71 -25.93 -5.01
N LYS B 107 3.83 -25.36 -5.82
CA LYS B 107 2.47 -25.04 -5.38
C LYS B 107 1.64 -26.31 -5.39
N VAL B 108 1.50 -26.95 -4.23
CA VAL B 108 0.84 -28.25 -4.17
C VAL B 108 -0.65 -28.11 -4.48
N HIS B 109 -1.28 -27.02 -4.03
CA HIS B 109 -2.68 -26.77 -4.33
C HIS B 109 -2.90 -25.27 -4.54
N ALA B 110 -3.85 -24.96 -5.41
CA ALA B 110 -4.28 -23.58 -5.68
C ALA B 110 -5.80 -23.57 -5.65
N ILE B 111 -6.36 -23.35 -4.47
CA ILE B 111 -7.81 -23.39 -4.27
C ILE B 111 -8.37 -22.00 -4.56
N PRO B 112 -9.25 -21.83 -5.55
CA PRO B 112 -9.96 -20.55 -5.65
C PRO B 112 -10.99 -20.43 -4.53
N LEU B 113 -11.35 -19.18 -4.23
CA LEU B 113 -12.29 -18.86 -3.16
C LEU B 113 -13.46 -18.08 -3.73
N ARG B 114 -14.65 -18.34 -3.19
CA ARG B 114 -15.84 -17.61 -3.62
C ARG B 114 -15.72 -16.13 -3.29
N SER B 115 -15.20 -15.81 -2.10
CA SER B 115 -15.03 -14.43 -1.65
C SER B 115 -13.57 -14.04 -1.80
N SER B 116 -13.32 -12.98 -2.57
CA SER B 116 -11.94 -12.53 -2.77
C SER B 116 -11.33 -12.02 -1.47
N TRP B 117 -12.11 -11.31 -0.67
CA TRP B 117 -11.60 -10.68 0.55
C TRP B 117 -11.42 -11.74 1.62
N VAL B 118 -10.18 -12.21 1.78
CA VAL B 118 -9.82 -13.12 2.85
C VAL B 118 -9.18 -12.29 3.96
N MET B 119 -9.16 -12.85 5.16
CA MET B 119 -8.53 -12.21 6.31
C MET B 119 -7.68 -13.16 7.13
N THR B 120 -7.73 -14.46 6.88
CA THR B 120 -7.05 -15.43 7.71
C THR B 120 -6.97 -16.75 6.94
N CYS B 121 -6.42 -17.78 7.59
CA CYS B 121 -6.39 -19.12 7.06
C CYS B 121 -5.89 -20.04 8.16
N ALA B 122 -6.35 -21.29 8.12
CA ALA B 122 -6.02 -22.26 9.16
C ALA B 122 -5.66 -23.58 8.51
N TYR B 123 -4.88 -24.38 9.25
CA TYR B 123 -4.50 -25.72 8.85
C TYR B 123 -4.74 -26.63 10.04
N ALA B 124 -5.73 -27.50 9.94
CA ALA B 124 -6.09 -28.33 11.08
C ALA B 124 -4.92 -29.27 11.41
N PRO B 125 -4.73 -29.62 12.69
CA PRO B 125 -3.59 -30.49 13.04
C PRO B 125 -3.63 -31.84 12.36
N SER B 126 -4.83 -32.36 12.06
CA SER B 126 -4.92 -33.55 11.22
C SER B 126 -4.46 -33.26 9.80
N GLY B 127 -4.59 -32.02 9.35
CA GLY B 127 -4.10 -31.62 8.05
C GLY B 127 -5.04 -31.92 6.89
N ASN B 128 -6.24 -32.45 7.16
CA ASN B 128 -7.15 -32.81 6.09
C ASN B 128 -8.06 -31.67 5.64
N TYR B 129 -8.19 -30.61 6.43
CA TYR B 129 -9.09 -29.50 6.13
C TYR B 129 -8.32 -28.18 6.19
N VAL B 130 -8.88 -27.17 5.54
CA VAL B 130 -8.33 -25.81 5.57
C VAL B 130 -9.50 -24.84 5.64
N ALA B 131 -9.46 -23.94 6.62
CA ALA B 131 -10.52 -22.95 6.82
C ALA B 131 -10.04 -21.58 6.42
N CYS B 132 -10.98 -20.73 5.97
CA CYS B 132 -10.64 -19.37 5.64
C CYS B 132 -11.91 -18.52 5.66
N GLY B 133 -11.76 -17.27 6.05
CA GLY B 133 -12.90 -16.36 6.10
C GLY B 133 -12.43 -14.93 6.15
N GLY B 134 -13.32 -14.02 5.77
CA GLY B 134 -13.00 -12.60 5.70
C GLY B 134 -14.21 -11.73 5.88
N LEU B 135 -14.25 -10.63 5.14
CA LEU B 135 -15.31 -9.65 5.29
C LEU B 135 -16.69 -10.18 4.86
N ASP B 136 -16.73 -11.31 4.17
CA ASP B 136 -18.01 -11.94 3.85
C ASP B 136 -18.71 -12.51 5.07
N ASN B 137 -18.04 -12.59 6.23
CA ASN B 137 -18.54 -13.10 7.50
C ASN B 137 -18.66 -14.61 7.53
N ILE B 138 -18.40 -15.31 6.43
CA ILE B 138 -18.62 -16.74 6.32
C ILE B 138 -17.28 -17.44 6.47
N CYS B 139 -17.18 -18.38 7.39
CA CYS B 139 -15.98 -19.21 7.54
C CYS B 139 -16.16 -20.43 6.65
N SER B 140 -15.51 -20.41 5.48
CA SER B 140 -15.57 -21.52 4.55
C SER B 140 -14.50 -22.54 4.92
N ILE B 141 -14.92 -23.79 5.12
CA ILE B 141 -14.02 -24.89 5.47
C ILE B 141 -13.99 -25.84 4.27
N TYR B 142 -12.79 -26.06 3.74
CA TYR B 142 -12.55 -26.86 2.55
C TYR B 142 -11.88 -28.18 2.94
N ASN B 143 -12.22 -29.22 2.19
CA ASN B 143 -11.63 -30.55 2.33
C ASN B 143 -10.46 -30.69 1.37
N LEU B 144 -9.44 -31.43 1.80
CA LEU B 144 -8.25 -31.70 1.00
C LEU B 144 -8.09 -33.21 0.79
N LYS B 145 -9.18 -33.88 0.48
CA LYS B 145 -9.14 -35.32 0.24
C LYS B 145 -10.42 -35.77 -0.45
N VAL B 151 -11.45 -30.86 -4.30
CA VAL B 151 -11.08 -29.89 -3.27
C VAL B 151 -12.15 -28.81 -3.21
N ARG B 152 -13.40 -29.24 -3.04
CA ARG B 152 -14.54 -28.33 -2.95
C ARG B 152 -14.81 -27.97 -1.51
N VAL B 153 -15.62 -26.92 -1.32
CA VAL B 153 -15.94 -26.45 0.02
C VAL B 153 -16.70 -27.55 0.77
N SER B 154 -16.22 -27.86 1.97
CA SER B 154 -16.89 -28.87 2.79
C SER B 154 -18.05 -28.27 3.56
N ARG B 155 -17.89 -27.05 4.06
CA ARG B 155 -18.97 -26.41 4.81
C ARG B 155 -18.75 -24.90 4.80
N GLU B 156 -19.80 -24.18 5.21
CA GLU B 156 -19.78 -22.73 5.31
C GLU B 156 -20.40 -22.35 6.65
N LEU B 157 -19.56 -22.21 7.67
CA LEU B 157 -20.06 -21.82 8.98
C LEU B 157 -20.45 -20.35 8.94
N ALA B 158 -21.68 -20.05 9.37
CA ALA B 158 -22.26 -18.73 9.16
C ALA B 158 -23.19 -18.42 10.33
N GLY B 159 -22.67 -17.73 11.34
CA GLY B 159 -23.47 -17.22 12.43
C GLY B 159 -23.03 -15.86 12.96
N HIS B 160 -22.01 -15.27 12.35
CA HIS B 160 -21.42 -14.03 12.85
C HIS B 160 -22.07 -12.83 12.19
N THR B 161 -21.76 -11.64 12.73
CA THR B 161 -22.23 -10.36 12.22
C THR B 161 -21.08 -9.40 12.02
N GLY B 162 -19.91 -9.92 11.65
CA GLY B 162 -18.74 -9.09 11.42
C GLY B 162 -17.64 -9.89 10.78
N TYR B 163 -16.64 -9.18 10.29
CA TYR B 163 -15.54 -9.82 9.59
C TYR B 163 -14.80 -10.77 10.52
N LEU B 164 -14.35 -11.91 9.97
CA LEU B 164 -13.56 -12.86 10.73
C LEU B 164 -12.09 -12.45 10.69
N SER B 165 -11.46 -12.45 11.87
CA SER B 165 -10.08 -12.00 12.03
C SER B 165 -9.09 -13.13 12.25
N CYS B 166 -9.51 -14.23 12.86
CA CYS B 166 -8.61 -15.35 13.11
C CYS B 166 -9.45 -16.57 13.47
N CYS B 167 -9.08 -17.71 12.89
CA CYS B 167 -9.75 -18.98 13.17
C CYS B 167 -8.71 -20.07 13.33
N ARG B 168 -8.93 -20.95 14.31
CA ARG B 168 -8.00 -22.03 14.62
C ARG B 168 -8.80 -23.30 14.90
N PHE B 169 -8.16 -24.44 14.64
CA PHE B 169 -8.78 -25.75 14.78
C PHE B 169 -8.37 -26.38 16.10
N LEU B 170 -9.35 -26.69 16.95
CA LEU B 170 -9.07 -27.52 18.11
C LEU B 170 -8.79 -28.95 17.70
N ASP B 171 -9.62 -29.48 16.80
CA ASP B 171 -9.47 -30.84 16.29
C ASP B 171 -10.06 -30.87 14.89
N ASP B 172 -10.33 -32.06 14.37
CA ASP B 172 -10.91 -32.22 13.05
C ASP B 172 -12.43 -32.06 13.06
N ASN B 173 -13.03 -31.79 14.22
CA ASN B 173 -14.48 -31.74 14.37
C ASN B 173 -15.03 -30.35 14.69
N GLN B 174 -14.20 -29.42 15.14
CA GLN B 174 -14.68 -28.10 15.54
C GLN B 174 -13.58 -27.07 15.33
N ILE B 175 -14.01 -25.81 15.25
CA ILE B 175 -13.13 -24.68 14.99
C ILE B 175 -13.63 -23.49 15.80
N VAL B 176 -12.72 -22.67 16.30
CA VAL B 176 -13.04 -21.44 17.02
C VAL B 176 -12.78 -20.27 16.09
N THR B 177 -13.73 -19.34 16.04
CA THR B 177 -13.64 -18.15 15.20
C THR B 177 -13.70 -16.90 16.06
N SER B 178 -13.03 -15.85 15.59
CA SER B 178 -12.90 -14.58 16.31
C SER B 178 -13.31 -13.46 15.36
N SER B 179 -14.58 -13.07 15.43
CA SER B 179 -15.13 -12.12 14.49
C SER B 179 -15.00 -10.69 15.02
N GLY B 180 -15.46 -9.73 14.21
CA GLY B 180 -15.48 -8.31 14.62
C GLY B 180 -16.77 -7.98 15.33
N ASP B 181 -17.56 -9.00 15.68
CA ASP B 181 -18.86 -8.82 16.40
C ASP B 181 -18.59 -8.79 17.92
N THR B 182 -17.34 -8.57 18.33
CA THR B 182 -16.97 -8.51 19.78
C THR B 182 -17.31 -9.84 20.44
N THR B 183 -17.32 -10.95 19.68
CA THR B 183 -17.58 -12.28 20.23
C THR B 183 -16.63 -13.27 19.58
N CYS B 184 -16.34 -14.35 20.31
CA CYS B 184 -15.61 -15.49 19.78
C CYS B 184 -16.55 -16.68 19.82
N ALA B 185 -16.77 -17.31 18.66
CA ALA B 185 -17.66 -18.45 18.56
C ALA B 185 -16.85 -19.74 18.59
N LEU B 186 -17.46 -20.80 19.11
CA LEU B 186 -16.88 -22.13 19.12
C LEU B 186 -17.78 -23.00 18.24
N TRP B 187 -17.50 -22.96 16.94
CA TRP B 187 -18.25 -23.70 15.94
C TRP B 187 -18.02 -25.20 16.09
N ASP B 188 -18.81 -25.98 15.35
CA ASP B 188 -18.60 -27.44 15.25
C ASP B 188 -18.72 -27.70 13.74
N ILE B 189 -17.98 -28.65 13.20
CA ILE B 189 -17.96 -28.93 11.77
C ILE B 189 -19.12 -29.82 11.36
N GLU B 190 -19.64 -30.64 12.27
CA GLU B 190 -20.65 -31.62 11.89
C GLU B 190 -21.95 -30.97 11.45
N THR B 191 -22.38 -29.90 12.14
CA THR B 191 -23.65 -29.25 11.86
C THR B 191 -23.56 -27.72 11.77
N GLY B 192 -22.40 -27.13 12.00
CA GLY B 192 -22.28 -25.68 11.88
C GLY B 192 -23.12 -24.91 12.89
N GLN B 193 -23.08 -25.33 14.16
CA GLN B 193 -23.84 -24.68 15.22
C GLN B 193 -22.88 -24.22 16.30
N GLN B 194 -23.13 -23.02 16.85
CA GLN B 194 -22.27 -22.47 17.89
C GLN B 194 -22.49 -23.25 19.18
N THR B 195 -21.55 -24.12 19.51
CA THR B 195 -21.62 -24.85 20.78
C THR B 195 -21.58 -23.90 21.97
N THR B 196 -20.73 -22.89 21.91
CA THR B 196 -20.70 -21.81 22.89
C THR B 196 -20.39 -20.51 22.17
N THR B 197 -20.71 -19.40 22.82
CA THR B 197 -20.48 -18.06 22.28
C THR B 197 -19.83 -17.23 23.38
N PHE B 198 -18.51 -17.13 23.34
CA PHE B 198 -17.78 -16.33 24.31
C PHE B 198 -17.96 -14.85 23.98
N THR B 199 -18.33 -14.06 24.99
CA THR B 199 -18.58 -12.64 24.79
C THR B 199 -18.19 -11.88 26.05
N GLY B 200 -17.98 -10.56 25.91
CA GLY B 200 -17.54 -9.71 27.05
C GLY B 200 -16.72 -8.55 26.54
N HIS B 201 -15.63 -8.81 25.82
CA HIS B 201 -14.78 -7.74 25.22
C HIS B 201 -15.68 -6.68 24.59
N THR B 202 -15.58 -5.42 25.03
CA THR B 202 -16.40 -4.30 24.49
C THR B 202 -16.02 -4.06 23.03
N GLY B 203 -14.72 -4.12 22.71
CA GLY B 203 -14.24 -3.94 21.31
C GLY B 203 -14.27 -5.24 20.56
N ASP B 204 -13.98 -5.20 19.26
CA ASP B 204 -14.01 -6.43 18.40
C ASP B 204 -12.65 -7.13 18.47
N VAL B 205 -12.65 -8.46 18.49
CA VAL B 205 -11.44 -9.28 18.56
C VAL B 205 -10.66 -9.14 17.27
N MET B 206 -9.34 -9.33 17.36
CA MET B 206 -8.45 -9.30 16.21
C MET B 206 -7.54 -10.51 16.10
N SER B 207 -7.29 -11.23 17.17
CA SER B 207 -6.41 -12.40 17.10
C SER B 207 -6.56 -13.19 18.39
N LEU B 208 -6.58 -14.51 18.24
CA LEU B 208 -6.61 -15.42 19.39
C LEU B 208 -5.49 -16.43 19.24
N SER B 209 -5.33 -17.25 20.27
CA SER B 209 -4.32 -18.30 20.22
C SER B 209 -4.70 -19.39 21.23
N LEU B 210 -4.85 -20.61 20.74
CA LEU B 210 -5.18 -21.73 21.61
C LEU B 210 -3.99 -22.08 22.51
N ALA B 211 -4.31 -22.60 23.70
CA ALA B 211 -3.26 -23.05 24.59
C ALA B 211 -2.67 -24.36 24.07
N PRO B 212 -1.47 -24.74 24.54
CA PRO B 212 -0.92 -26.05 24.13
C PRO B 212 -1.81 -27.22 24.49
N ASP B 213 -2.49 -27.17 25.64
CA ASP B 213 -3.40 -28.23 26.03
C ASP B 213 -4.73 -28.17 25.30
N THR B 214 -5.06 -27.05 24.68
CA THR B 214 -6.29 -26.81 23.93
C THR B 214 -7.52 -26.63 24.82
N ARG B 215 -7.38 -26.74 26.14
CA ARG B 215 -8.50 -26.53 27.05
C ARG B 215 -8.77 -25.05 27.33
N LEU B 216 -7.87 -24.16 26.92
CA LEU B 216 -8.04 -22.72 27.12
C LEU B 216 -7.63 -22.02 25.83
N PHE B 217 -8.17 -20.82 25.61
CA PHE B 217 -7.70 -20.00 24.51
C PHE B 217 -7.88 -18.54 24.88
N VAL B 218 -6.89 -17.73 24.51
CA VAL B 218 -6.88 -16.31 24.80
C VAL B 218 -7.19 -15.54 23.53
N SER B 219 -7.77 -14.36 23.73
CA SER B 219 -8.18 -13.49 22.64
C SER B 219 -7.82 -12.05 22.97
N GLY B 220 -7.43 -11.31 21.93
CA GLY B 220 -7.04 -9.91 22.05
C GLY B 220 -8.00 -8.97 21.36
N ALA B 221 -8.57 -8.04 22.11
CA ALA B 221 -9.57 -7.12 21.59
C ALA B 221 -8.92 -5.85 21.05
N CYS B 222 -9.74 -5.01 20.43
CA CYS B 222 -9.28 -3.68 20.01
C CYS B 222 -9.26 -2.69 21.16
N ASP B 223 -9.82 -3.04 22.31
CA ASP B 223 -9.60 -2.28 23.53
C ASP B 223 -8.25 -2.67 24.13
N ALA B 224 -7.78 -1.87 25.06
CA ALA B 224 -6.55 -2.21 25.77
C ALA B 224 -6.84 -3.35 26.73
N SER B 225 -7.07 -4.55 26.20
CA SER B 225 -7.51 -5.67 27.02
C SER B 225 -7.21 -6.97 26.30
N ALA B 226 -7.22 -8.06 27.07
CA ALA B 226 -7.14 -9.40 26.54
C ALA B 226 -7.84 -10.31 27.53
N LYS B 227 -8.28 -11.49 27.05
CA LYS B 227 -9.05 -12.40 27.88
C LYS B 227 -8.57 -13.83 27.63
N LEU B 228 -8.97 -14.72 28.54
CA LEU B 228 -8.39 -16.07 28.68
C LEU B 228 -9.54 -17.08 28.79
N TRP B 229 -10.39 -17.11 27.77
CA TRP B 229 -11.61 -17.92 27.87
C TRP B 229 -11.27 -19.40 27.97
N ASP B 230 -12.17 -20.15 28.61
CA ASP B 230 -12.08 -21.59 28.73
C ASP B 230 -13.13 -22.22 27.82
N VAL B 231 -12.68 -23.13 26.95
CA VAL B 231 -13.56 -23.67 25.92
C VAL B 231 -14.67 -24.50 26.55
N ARG B 232 -14.34 -25.35 27.51
CA ARG B 232 -15.34 -26.26 28.07
C ARG B 232 -16.37 -25.51 28.90
N GLU B 233 -15.90 -24.64 29.80
CA GLU B 233 -16.82 -23.96 30.71
C GLU B 233 -17.70 -22.97 29.97
N GLY B 234 -17.14 -22.25 28.99
CA GLY B 234 -17.89 -21.23 28.28
C GLY B 234 -17.89 -19.88 28.96
N MET B 235 -17.01 -19.64 29.92
CA MET B 235 -16.96 -18.39 30.68
C MET B 235 -15.52 -17.93 30.81
N CYS B 236 -15.35 -16.61 30.97
CA CYS B 236 -14.02 -16.05 31.12
C CYS B 236 -13.38 -16.52 32.42
N ARG B 237 -12.06 -16.30 32.52
CA ARG B 237 -11.28 -16.64 33.71
C ARG B 237 -10.46 -15.47 34.23
N GLN B 238 -9.91 -14.64 33.35
CA GLN B 238 -9.10 -13.50 33.75
C GLN B 238 -9.19 -12.43 32.67
N THR B 239 -8.74 -11.24 33.03
CA THR B 239 -8.65 -10.12 32.09
C THR B 239 -7.36 -9.35 32.37
N PHE B 240 -6.66 -8.98 31.31
CA PHE B 240 -5.40 -8.26 31.39
C PHE B 240 -5.53 -7.00 30.56
N THR B 241 -5.40 -5.83 31.20
CA THR B 241 -5.61 -4.53 30.58
C THR B 241 -4.41 -3.62 30.82
N GLY B 242 -3.21 -4.14 30.59
CA GLY B 242 -2.00 -3.37 30.75
C GLY B 242 -1.58 -2.55 29.55
N HIS B 243 -2.33 -2.61 28.44
CA HIS B 243 -1.96 -1.95 27.21
C HIS B 243 -2.55 -0.54 27.16
N GLU B 244 -2.22 0.20 26.10
CA GLU B 244 -2.73 1.54 25.87
C GLU B 244 -3.56 1.69 24.61
N SER B 245 -3.53 0.71 23.70
CA SER B 245 -4.21 0.83 22.42
C SER B 245 -4.64 -0.56 21.98
N ASP B 246 -4.97 -0.71 20.70
CA ASP B 246 -5.54 -1.96 20.21
C ASP B 246 -4.53 -3.09 20.30
N ILE B 247 -5.06 -4.30 20.49
CA ILE B 247 -4.28 -5.54 20.46
C ILE B 247 -4.61 -6.24 19.15
N ASN B 248 -3.58 -6.63 18.40
CA ASN B 248 -3.77 -7.29 17.11
C ASN B 248 -2.78 -8.42 16.90
N ALA B 249 -2.33 -9.06 17.98
CA ALA B 249 -1.50 -10.25 17.88
C ALA B 249 -1.34 -10.86 19.26
N ILE B 250 -1.47 -12.18 19.37
CA ILE B 250 -1.17 -12.90 20.59
C ILE B 250 -0.59 -14.26 20.21
N CYS B 251 0.34 -14.76 21.02
CA CYS B 251 0.78 -16.14 20.92
C CYS B 251 1.18 -16.64 22.30
N PHE B 252 0.70 -17.82 22.67
CA PHE B 252 1.02 -18.38 23.98
C PHE B 252 2.51 -18.67 24.12
N PHE B 253 2.97 -18.61 25.36
CA PHE B 253 4.25 -19.23 25.69
C PHE B 253 4.12 -20.73 25.46
N PRO B 254 5.17 -21.41 24.97
CA PRO B 254 5.02 -22.86 24.69
C PRO B 254 4.69 -23.70 25.91
N ASN B 255 5.01 -23.25 27.13
CA ASN B 255 4.66 -24.04 28.31
C ASN B 255 3.18 -23.94 28.65
N GLY B 256 2.55 -22.82 28.37
CA GLY B 256 1.14 -22.63 28.61
C GLY B 256 0.78 -21.91 29.89
N ASN B 257 1.63 -20.98 30.36
CA ASN B 257 1.36 -20.21 31.57
C ASN B 257 1.60 -18.71 31.37
N ALA B 258 1.88 -18.27 30.14
CA ALA B 258 2.11 -16.86 29.86
C ALA B 258 1.87 -16.64 28.38
N PHE B 259 1.73 -15.38 28.00
CA PHE B 259 1.51 -15.05 26.59
C PHE B 259 1.84 -13.59 26.34
N ALA B 260 2.36 -13.31 25.15
CA ALA B 260 2.78 -11.98 24.74
C ALA B 260 1.81 -11.44 23.70
N THR B 261 1.46 -10.16 23.84
CA THR B 261 0.44 -9.53 23.01
C THR B 261 1.01 -8.27 22.36
N GLY B 262 1.23 -8.31 21.05
CA GLY B 262 1.54 -7.11 20.32
C GLY B 262 0.36 -6.16 20.27
N SER B 263 0.64 -4.89 20.00
CA SER B 263 -0.39 -3.87 20.08
C SER B 263 -0.05 -2.71 19.15
N ASP B 264 -1.06 -1.88 18.89
CA ASP B 264 -0.88 -0.72 18.02
C ASP B 264 0.08 0.31 18.62
N ASP B 265 0.34 0.26 19.92
CA ASP B 265 1.19 1.28 20.59
C ASP B 265 2.65 0.88 20.45
N ALA B 266 2.95 -0.18 19.74
CA ALA B 266 4.34 -0.57 19.48
C ALA B 266 5.05 -1.03 20.75
N THR B 267 4.42 -1.95 21.47
CA THR B 267 5.01 -2.49 22.70
C THR B 267 4.46 -3.89 22.92
N CYS B 268 5.26 -4.90 22.58
CA CYS B 268 4.92 -6.26 22.98
C CYS B 268 5.06 -6.38 24.49
N ARG B 269 4.00 -6.86 25.14
CA ARG B 269 3.95 -7.04 26.59
C ARG B 269 3.61 -8.48 26.90
N LEU B 270 4.31 -9.05 27.88
CA LEU B 270 4.18 -10.47 28.23
C LEU B 270 3.44 -10.58 29.55
N PHE B 271 2.20 -11.07 29.50
CA PHE B 271 1.40 -11.32 30.69
C PHE B 271 1.61 -12.76 31.16
N ASP B 272 1.44 -12.96 32.46
CA ASP B 272 1.59 -14.27 33.10
C ASP B 272 0.26 -14.66 33.71
N LEU B 273 -0.20 -15.87 33.41
CA LEU B 273 -1.51 -16.32 33.88
C LEU B 273 -1.50 -16.58 35.38
N ARG B 274 -0.47 -17.25 35.89
CA ARG B 274 -0.41 -17.57 37.31
C ARG B 274 -0.36 -16.30 38.16
N ALA B 275 0.43 -15.32 37.74
CA ALA B 275 0.57 -14.07 38.48
C ALA B 275 -0.44 -13.01 38.07
N ASP B 276 -0.91 -13.04 36.82
CA ASP B 276 -1.87 -12.06 36.31
C ASP B 276 -1.28 -10.65 36.36
N GLN B 277 -0.15 -10.48 35.68
CA GLN B 277 0.51 -9.18 35.60
C GLN B 277 1.50 -9.22 34.44
N GLU B 278 1.85 -8.03 33.96
CA GLU B 278 2.77 -7.89 32.84
C GLU B 278 4.20 -8.06 33.35
N LEU B 279 4.76 -9.25 33.16
CA LEU B 279 6.12 -9.51 33.64
C LEU B 279 7.14 -8.63 32.94
N MET B 280 7.01 -8.48 31.63
CA MET B 280 7.97 -7.72 30.83
C MET B 280 7.25 -6.92 29.76
N THR B 281 7.88 -5.83 29.35
CA THR B 281 7.36 -4.95 28.31
C THR B 281 8.50 -4.64 27.35
N TYR B 282 8.36 -5.09 26.11
CA TYR B 282 9.42 -4.95 25.11
C TYR B 282 9.32 -3.61 24.39
N SER B 283 9.44 -2.55 25.18
CA SER B 283 9.30 -1.18 24.70
C SER B 283 10.67 -0.57 24.47
N HIS B 284 10.86 0.02 23.28
CA HIS B 284 12.06 0.78 22.94
C HIS B 284 11.63 2.13 22.41
N ASP B 285 12.23 3.19 22.94
CA ASP B 285 11.80 4.55 22.58
C ASP B 285 12.07 4.85 21.11
N ASN B 286 13.04 4.18 20.50
CA ASN B 286 13.39 4.48 19.12
C ASN B 286 12.25 4.13 18.17
N ILE B 287 11.61 2.97 18.38
CA ILE B 287 10.60 2.46 17.46
C ILE B 287 9.23 2.97 17.89
N ILE B 288 8.47 3.50 16.92
CA ILE B 288 7.18 4.13 17.18
C ILE B 288 6.13 3.62 16.21
N CYS B 289 6.30 2.39 15.71
CA CYS B 289 5.41 1.81 14.72
C CYS B 289 4.77 0.55 15.29
N GLY B 290 3.48 0.38 15.02
CA GLY B 290 2.70 -0.66 15.66
C GLY B 290 3.10 -2.06 15.23
N ILE B 291 2.61 -3.03 15.99
CA ILE B 291 2.91 -4.45 15.81
C ILE B 291 1.74 -5.11 15.10
N THR B 292 2.04 -6.04 14.21
CA THR B 292 1.03 -6.79 13.46
C THR B 292 1.06 -8.28 13.73
N SER B 293 2.13 -8.82 14.30
CA SER B 293 2.19 -10.24 14.62
C SER B 293 3.27 -10.47 15.66
N VAL B 294 3.09 -11.52 16.46
CA VAL B 294 4.10 -11.99 17.40
C VAL B 294 4.18 -13.50 17.30
N SER B 295 5.32 -14.05 17.71
CA SER B 295 5.48 -15.49 17.76
C SER B 295 6.71 -15.90 18.54
N PHE B 296 6.55 -16.83 19.47
CA PHE B 296 7.67 -17.41 20.17
C PHE B 296 8.33 -18.50 19.32
N SER B 297 9.55 -18.84 19.68
CA SER B 297 10.28 -19.93 19.04
C SER B 297 9.93 -21.23 19.76
N LYS B 298 10.68 -22.30 19.46
CA LYS B 298 10.43 -23.58 20.12
C LYS B 298 10.65 -23.48 21.62
N SER B 299 11.82 -22.97 22.02
CA SER B 299 12.13 -22.85 23.45
C SER B 299 11.53 -21.62 24.09
N GLY B 300 11.12 -20.63 23.30
CA GLY B 300 10.51 -19.43 23.82
C GLY B 300 11.46 -18.34 24.22
N ARG B 301 12.78 -18.58 24.16
CA ARG B 301 13.73 -17.53 24.50
C ARG B 301 13.60 -16.34 23.56
N LEU B 302 13.46 -16.60 22.27
CA LEU B 302 13.29 -15.55 21.29
C LEU B 302 11.81 -15.17 21.19
N LEU B 303 11.56 -13.94 20.77
CA LEU B 303 10.21 -13.45 20.50
C LEU B 303 10.28 -12.68 19.18
N LEU B 304 9.85 -13.32 18.10
CA LEU B 304 9.85 -12.70 16.79
C LEU B 304 8.58 -11.87 16.67
N ALA B 305 8.71 -10.54 16.65
CA ALA B 305 7.58 -9.63 16.54
C ALA B 305 7.64 -8.96 15.18
N GLY B 306 6.57 -9.09 14.40
CA GLY B 306 6.52 -8.51 13.08
C GLY B 306 5.93 -7.12 13.11
N TYR B 307 6.79 -6.11 13.15
CA TYR B 307 6.32 -4.74 13.22
C TYR B 307 5.80 -4.28 11.86
N ASP B 308 5.15 -3.13 11.87
CA ASP B 308 4.94 -2.36 10.64
C ASP B 308 6.26 -1.68 10.30
N ASP B 309 6.25 -0.77 9.35
CA ASP B 309 7.46 -0.15 8.81
C ASP B 309 8.36 -1.17 8.12
N PHE B 310 7.79 -2.28 7.65
CA PHE B 310 8.43 -3.16 6.68
C PHE B 310 9.61 -3.91 7.29
N ASN B 311 9.47 -4.34 8.56
CA ASN B 311 10.57 -5.01 9.25
C ASN B 311 10.01 -5.90 10.34
N CYS B 312 10.86 -6.79 10.84
CA CYS B 312 10.56 -7.63 11.99
C CYS B 312 11.74 -7.57 12.95
N ASN B 313 11.44 -7.60 14.25
CA ASN B 313 12.46 -7.52 15.28
C ASN B 313 12.34 -8.73 16.21
N VAL B 314 13.48 -9.29 16.57
CA VAL B 314 13.54 -10.43 17.48
C VAL B 314 14.02 -9.93 18.84
N TRP B 315 13.19 -10.14 19.86
CA TRP B 315 13.51 -9.74 21.23
C TRP B 315 13.96 -10.94 22.03
N ASP B 316 14.82 -10.69 23.01
CA ASP B 316 15.14 -11.69 24.03
C ASP B 316 13.98 -11.69 25.02
N ALA B 317 13.25 -12.81 25.08
CA ALA B 317 11.98 -12.83 25.79
C ALA B 317 12.15 -12.55 27.28
N LEU B 318 13.24 -13.01 27.87
CA LEU B 318 13.48 -12.84 29.30
C LEU B 318 14.23 -11.54 29.60
N LYS B 319 15.32 -11.30 28.89
CA LYS B 319 16.13 -10.10 29.15
C LYS B 319 15.48 -8.83 28.64
N ALA B 320 14.45 -8.92 27.81
CA ALA B 320 13.79 -7.74 27.23
C ALA B 320 14.76 -6.90 26.42
N ASP B 321 15.78 -7.53 25.85
CA ASP B 321 16.85 -6.87 25.11
C ASP B 321 16.81 -7.30 23.66
N ARG B 322 17.15 -6.38 22.76
CA ARG B 322 17.15 -6.66 21.34
C ARG B 322 18.20 -7.71 21.00
N ALA B 323 17.93 -8.49 19.94
CA ALA B 323 18.84 -9.56 19.54
C ALA B 323 18.99 -9.71 18.02
N GLY B 324 18.37 -8.87 17.22
CA GLY B 324 18.53 -8.97 15.77
C GLY B 324 17.40 -8.28 15.04
N VAL B 325 17.42 -8.45 13.72
CA VAL B 325 16.40 -7.89 12.84
C VAL B 325 16.24 -8.85 11.67
N LEU B 326 14.99 -8.98 11.18
CA LEU B 326 14.69 -9.60 9.90
C LEU B 326 14.13 -8.53 8.99
N ALA B 327 14.76 -8.32 7.84
CA ALA B 327 14.37 -7.30 6.89
C ALA B 327 14.49 -7.86 5.48
N GLY B 328 13.90 -7.14 4.53
CA GLY B 328 13.87 -7.55 3.14
C GLY B 328 12.49 -7.51 2.52
N HIS B 329 11.54 -6.86 3.18
CA HIS B 329 10.17 -6.75 2.71
C HIS B 329 9.91 -5.35 2.18
N ASP B 330 9.27 -5.27 1.02
CA ASP B 330 8.93 -4.00 0.41
C ASP B 330 7.58 -3.47 0.85
N ASN B 331 6.89 -4.15 1.77
CA ASN B 331 5.62 -3.67 2.28
C ASN B 331 5.36 -4.31 3.64
N ARG B 332 4.21 -3.98 4.21
CA ARG B 332 3.93 -4.34 5.60
C ARG B 332 3.88 -5.85 5.79
N VAL B 333 4.36 -6.30 6.94
CA VAL B 333 4.24 -7.70 7.34
C VAL B 333 2.86 -7.90 7.96
N SER B 334 2.28 -9.10 7.75
CA SER B 334 0.93 -9.39 8.22
C SER B 334 0.77 -10.76 8.87
N CYS B 335 1.83 -11.58 8.92
CA CYS B 335 1.80 -12.80 9.72
C CYS B 335 3.22 -13.32 9.84
N LEU B 336 3.57 -13.79 11.04
CA LEU B 336 4.95 -14.12 11.38
C LEU B 336 5.02 -15.45 12.14
N GLY B 337 4.36 -16.46 11.62
CA GLY B 337 4.37 -17.76 12.27
C GLY B 337 5.73 -18.42 12.22
N VAL B 338 5.85 -19.53 12.95
CA VAL B 338 7.05 -20.36 12.97
C VAL B 338 6.64 -21.81 12.86
N THR B 339 7.61 -22.65 12.51
CA THR B 339 7.35 -24.08 12.39
C THR B 339 7.00 -24.68 13.74
N ASP B 340 6.18 -25.73 13.71
CA ASP B 340 5.85 -26.43 14.94
C ASP B 340 7.08 -27.05 15.58
N ASP B 341 7.97 -27.61 14.77
CA ASP B 341 9.22 -28.18 15.27
C ASP B 341 10.32 -27.14 15.49
N GLY B 342 10.12 -25.91 15.02
CA GLY B 342 11.09 -24.86 15.25
C GLY B 342 12.33 -24.93 14.38
N MET B 343 12.28 -25.67 13.27
CA MET B 343 13.42 -25.76 12.37
C MET B 343 13.62 -24.52 11.52
N ALA B 344 12.60 -23.67 11.40
CA ALA B 344 12.67 -22.48 10.58
C ALA B 344 11.42 -21.66 10.83
N VAL B 345 11.47 -20.39 10.43
CA VAL B 345 10.33 -19.49 10.57
C VAL B 345 9.91 -19.02 9.19
N ALA B 346 8.65 -18.61 9.09
CA ALA B 346 8.08 -18.05 7.88
C ALA B 346 7.77 -16.59 8.11
N THR B 347 7.31 -15.92 7.06
CA THR B 347 6.85 -14.55 7.17
C THR B 347 6.04 -14.19 5.95
N GLY B 348 4.84 -13.67 6.17
CA GLY B 348 4.02 -13.16 5.10
C GLY B 348 4.48 -11.78 4.69
N SER B 349 3.68 -11.14 3.85
CA SER B 349 4.01 -9.80 3.41
C SER B 349 2.86 -9.26 2.58
N TRP B 350 2.75 -7.94 2.55
CA TRP B 350 1.81 -7.27 1.66
C TRP B 350 2.37 -7.06 0.27
N ASP B 351 3.59 -7.52 0.00
CA ASP B 351 4.19 -7.46 -1.32
C ASP B 351 3.90 -8.71 -2.15
N SER B 352 3.06 -9.62 -1.66
CA SER B 352 2.76 -10.88 -2.35
C SER B 352 4.01 -11.75 -2.43
N PHE B 353 4.73 -11.86 -1.32
CA PHE B 353 6.02 -12.56 -1.28
C PHE B 353 6.16 -13.23 0.08
N LEU B 354 5.84 -14.51 0.14
CA LEU B 354 6.15 -15.27 1.35
C LEU B 354 7.64 -15.53 1.42
N LYS B 355 8.19 -15.47 2.63
CA LYS B 355 9.61 -15.75 2.85
C LYS B 355 9.74 -16.77 3.96
N ILE B 356 10.84 -17.52 3.92
CA ILE B 356 11.15 -18.52 4.93
C ILE B 356 12.59 -18.29 5.36
N TRP B 357 12.79 -17.86 6.60
CA TRP B 357 14.10 -17.66 7.21
C TRP B 357 14.44 -18.83 8.11
N ASN B 358 15.73 -18.97 8.40
CA ASN B 358 16.23 -20.07 9.21
C ASN B 358 17.49 -19.66 9.95
N ARG C 13 -24.83 -4.89 35.59
CA ARG C 13 -24.76 -5.97 36.62
C ARG C 13 -23.85 -7.11 36.16
N LYS C 14 -23.81 -7.34 34.85
CA LYS C 14 -22.94 -8.37 34.30
C LYS C 14 -21.46 -8.05 34.54
N LEU C 15 -21.09 -6.78 34.41
CA LEU C 15 -19.71 -6.39 34.67
C LEU C 15 -19.34 -6.62 36.14
N VAL C 16 -20.29 -6.33 37.04
CA VAL C 16 -20.04 -6.54 38.47
C VAL C 16 -19.79 -8.02 38.74
N GLU C 17 -20.61 -8.89 38.16
CA GLU C 17 -20.40 -10.32 38.31
C GLU C 17 -19.06 -10.74 37.71
N GLN C 18 -18.68 -10.14 36.59
CA GLN C 18 -17.41 -10.48 35.96
C GLN C 18 -16.23 -10.14 36.87
N LEU C 19 -16.21 -8.91 37.41
CA LEU C 19 -15.10 -8.56 38.29
C LEU C 19 -15.12 -9.40 39.56
N LYS C 20 -16.33 -9.69 40.08
CA LYS C 20 -16.42 -10.50 41.29
C LYS C 20 -15.85 -11.89 41.08
N MET C 21 -16.18 -12.53 39.95
CA MET C 21 -15.68 -13.88 39.71
C MET C 21 -14.19 -13.87 39.37
N GLU C 22 -13.72 -12.84 38.65
CA GLU C 22 -12.32 -12.80 38.25
C GLU C 22 -11.40 -12.44 39.41
N ALA C 23 -11.91 -11.70 40.40
CA ALA C 23 -11.05 -11.27 41.50
C ALA C 23 -10.60 -12.45 42.36
N ASN C 24 -11.51 -13.39 42.64
CA ASN C 24 -11.23 -14.51 43.53
C ASN C 24 -10.48 -15.61 42.78
N ILE C 25 -9.20 -15.34 42.53
CA ILE C 25 -8.30 -16.27 41.86
C ILE C 25 -7.00 -16.33 42.64
N ASP C 26 -6.51 -17.54 42.91
CA ASP C 26 -5.25 -17.72 43.60
C ASP C 26 -4.10 -17.45 42.63
N ARG C 27 -3.09 -16.70 43.11
CA ARG C 27 -1.97 -16.29 42.28
C ARG C 27 -0.66 -16.50 43.04
N ILE C 28 0.38 -16.84 42.30
CA ILE C 28 1.73 -17.02 42.83
C ILE C 28 2.50 -15.73 42.57
N LYS C 29 3.48 -15.45 43.45
CA LYS C 29 4.26 -14.23 43.32
C LYS C 29 5.03 -14.20 41.99
N VAL C 30 5.26 -12.98 41.50
CA VAL C 30 5.89 -12.82 40.18
C VAL C 30 7.30 -13.40 40.17
N SER C 31 8.00 -13.39 41.31
CA SER C 31 9.33 -13.95 41.36
C SER C 31 9.32 -15.44 41.05
N LYS C 32 8.37 -16.18 41.63
CA LYS C 32 8.26 -17.60 41.33
C LYS C 32 7.90 -17.84 39.87
N ALA C 33 7.02 -17.01 39.31
CA ALA C 33 6.66 -17.13 37.90
C ALA C 33 7.88 -16.96 37.00
N ALA C 34 8.66 -15.90 37.25
CA ALA C 34 9.86 -15.67 36.46
C ALA C 34 10.87 -16.79 36.64
N ALA C 35 11.00 -17.30 37.87
CA ALA C 35 11.95 -18.37 38.15
C ALA C 35 11.58 -19.64 37.38
N ASP C 36 10.31 -20.03 37.40
CA ASP C 36 9.93 -21.25 36.70
C ASP C 36 9.96 -21.05 35.19
N LEU C 37 9.66 -19.84 34.70
CA LEU C 37 9.82 -19.57 33.27
C LEU C 37 11.28 -19.70 32.85
N MET C 38 12.20 -19.16 33.66
CA MET C 38 13.62 -19.29 33.37
C MET C 38 14.05 -20.75 33.39
N ALA C 39 13.56 -21.52 34.37
CA ALA C 39 13.92 -22.93 34.45
C ALA C 39 13.42 -23.69 33.23
N TYR C 40 12.18 -23.44 32.81
CA TYR C 40 11.64 -24.10 31.63
C TYR C 40 12.44 -23.72 30.39
N CYS C 41 12.77 -22.44 30.24
CA CYS C 41 13.53 -22.02 29.06
C CYS C 41 14.91 -22.64 29.04
N GLU C 42 15.59 -22.69 30.19
CA GLU C 42 16.93 -23.28 30.25
C GLU C 42 16.89 -24.76 29.95
N ALA C 43 15.88 -25.47 30.48
CA ALA C 43 15.80 -26.91 30.25
C ALA C 43 15.59 -27.23 28.77
N HIS C 44 14.77 -26.43 28.09
CA HIS C 44 14.39 -26.67 26.71
C HIS C 44 15.26 -25.92 25.70
N ALA C 45 16.31 -25.21 26.17
CA ALA C 45 17.12 -24.41 25.26
C ALA C 45 17.91 -25.27 24.27
N LYS C 46 18.19 -26.53 24.60
CA LYS C 46 19.00 -27.36 23.73
C LYS C 46 18.33 -27.68 22.39
N GLU C 47 17.02 -27.50 22.29
CA GLU C 47 16.24 -27.87 21.10
C GLU C 47 15.62 -26.63 20.45
N ASP C 48 16.42 -25.57 20.31
CA ASP C 48 16.00 -24.31 19.72
C ASP C 48 16.88 -24.05 18.49
N PRO C 49 16.45 -24.48 17.29
CA PRO C 49 17.27 -24.21 16.10
C PRO C 49 17.46 -22.73 15.81
N LEU C 50 16.49 -21.89 16.14
CA LEU C 50 16.62 -20.45 15.89
C LEU C 50 17.72 -19.86 16.76
N GLN D 23 -4.84 -0.33 32.26
CA GLN D 23 -6.26 0.04 32.44
C GLN D 23 -6.50 1.49 32.03
N VAL D 24 -6.69 1.71 30.73
CA VAL D 24 -6.99 3.05 30.23
C VAL D 24 -8.32 3.47 30.81
N GLN D 25 -8.31 4.51 31.64
CA GLN D 25 -9.52 5.01 32.30
C GLN D 25 -9.46 6.53 32.30
N LEU D 26 -10.51 7.15 31.78
CA LEU D 26 -10.62 8.60 31.71
C LEU D 26 -11.75 9.04 32.63
N GLN D 27 -11.44 9.96 33.55
CA GLN D 27 -12.42 10.48 34.48
C GLN D 27 -13.14 11.67 33.84
N GLU D 28 -13.91 12.42 34.64
CA GLU D 28 -14.68 13.53 34.12
C GLU D 28 -15.19 14.37 35.28
N SER D 29 -15.26 15.68 35.08
CA SER D 29 -15.75 16.59 36.09
C SER D 29 -16.31 17.83 35.41
N GLY D 30 -17.13 18.57 36.16
CA GLY D 30 -17.73 19.79 35.65
C GLY D 30 -19.02 19.54 34.89
N LEU D 40 -18.72 27.85 31.94
CA LEU D 40 -18.36 26.60 32.60
C LEU D 40 -17.01 26.10 32.06
N ARG D 41 -16.36 25.24 32.84
CA ARG D 41 -15.03 24.71 32.50
C ARG D 41 -15.07 23.20 32.73
N LEU D 42 -15.30 22.46 31.65
CA LEU D 42 -15.28 21.00 31.73
C LEU D 42 -13.85 20.52 31.82
N SER D 43 -13.61 19.57 32.72
CA SER D 43 -12.28 19.02 32.97
C SER D 43 -12.28 17.52 32.72
N CYS D 44 -11.14 17.02 32.25
CA CYS D 44 -10.94 15.62 31.93
C CYS D 44 -9.58 15.18 32.44
N ALA D 45 -9.57 14.09 33.21
CA ALA D 45 -8.35 13.49 33.74
C ALA D 45 -8.17 12.12 33.11
N ALA D 46 -7.00 11.88 32.53
CA ALA D 46 -6.65 10.63 31.88
C ALA D 46 -5.52 9.94 32.64
N SER D 47 -5.58 8.62 32.70
CA SER D 47 -4.61 7.83 33.45
C SER D 47 -4.36 6.52 32.72
N GLY D 48 -3.20 5.92 33.00
CA GLY D 48 -2.85 4.64 32.44
C GLY D 48 -2.09 4.68 31.12
N PHE D 49 -1.88 5.87 30.55
CA PHE D 49 -1.17 5.98 29.29
C PHE D 49 -0.53 7.35 29.20
N THR D 50 0.43 7.47 28.28
CA THR D 50 1.14 8.74 28.09
C THR D 50 0.20 9.75 27.43
N PHE D 51 -0.07 10.84 28.12
CA PHE D 51 -1.03 11.82 27.63
C PHE D 51 -0.54 12.50 26.35
N SER D 52 0.76 12.76 26.25
CA SER D 52 1.26 13.63 25.20
C SER D 52 1.12 13.00 23.82
N ASN D 53 1.27 11.69 23.71
CA ASN D 53 1.33 11.05 22.40
C ASN D 53 0.01 11.14 21.66
N TYR D 54 -1.11 10.98 22.36
CA TYR D 54 -2.40 10.79 21.72
C TYR D 54 -3.17 12.10 21.58
N LYS D 55 -3.73 12.31 20.40
CA LYS D 55 -4.65 13.41 20.15
C LYS D 55 -5.93 13.21 20.97
N MET D 56 -6.53 14.32 21.38
CA MET D 56 -7.71 14.28 22.26
C MET D 56 -8.86 15.04 21.62
N ASN D 57 -10.08 14.61 21.95
CA ASN D 57 -11.31 15.18 21.39
C ASN D 57 -12.36 15.33 22.47
N TRP D 58 -13.22 16.32 22.28
CA TRP D 58 -14.47 16.48 23.02
C TRP D 58 -15.63 16.21 22.07
N VAL D 59 -16.51 15.28 22.45
CA VAL D 59 -17.65 14.88 21.64
C VAL D 59 -18.88 14.82 22.53
N ARG D 60 -19.99 15.40 22.07
CA ARG D 60 -21.21 15.48 22.87
C ARG D 60 -22.28 14.55 22.31
N GLN D 61 -22.90 13.77 23.19
CA GLN D 61 -24.08 12.99 22.87
C GLN D 61 -25.29 13.81 23.30
N ALA D 62 -25.99 14.40 22.32
CA ALA D 62 -27.18 15.16 22.63
C ALA D 62 -28.27 14.21 23.12
N PRO D 63 -29.24 14.70 23.90
CA PRO D 63 -30.28 13.80 24.41
C PRO D 63 -31.29 13.42 23.34
N GLY D 64 -31.29 12.14 22.95
CA GLY D 64 -32.26 11.62 22.01
C GLY D 64 -31.81 11.49 20.57
N LYS D 65 -30.51 11.67 20.29
CA LYS D 65 -30.00 11.48 18.94
C LYS D 65 -28.54 11.03 19.03
N GLY D 66 -27.96 10.77 17.86
CA GLY D 66 -26.61 10.24 17.81
C GLY D 66 -25.58 11.22 18.29
N LEU D 67 -24.35 10.72 18.40
CA LEU D 67 -23.25 11.53 18.92
C LEU D 67 -22.88 12.64 17.94
N GLU D 68 -22.18 13.64 18.48
CA GLU D 68 -21.63 14.73 17.68
C GLU D 68 -20.23 15.03 18.19
N TRP D 69 -19.33 15.44 17.29
CA TRP D 69 -17.94 15.76 17.67
C TRP D 69 -17.89 17.26 17.95
N VAL D 70 -17.33 17.73 19.09
CA VAL D 70 -17.35 19.15 19.52
C VAL D 70 -16.02 19.83 19.25
N SER D 71 -14.85 19.21 19.39
CA SER D 71 -13.57 19.85 19.08
C SER D 71 -12.43 18.87 19.30
N ASP D 72 -11.25 19.27 18.82
CA ASP D 72 -10.06 18.43 18.86
C ASP D 72 -8.84 19.25 19.27
N ILE D 73 -7.85 18.56 19.82
CA ILE D 73 -6.56 19.16 20.15
C ILE D 73 -5.48 18.10 20.02
N SER D 74 -4.37 18.46 19.38
CA SER D 74 -3.32 17.53 19.04
C SER D 74 -2.28 17.46 20.18
N GLN D 75 -1.14 16.82 19.90
CA GLN D 75 -0.13 16.63 20.93
C GLN D 75 0.51 17.95 21.34
N SER D 76 0.94 18.74 20.36
CA SER D 76 1.64 19.99 20.64
C SER D 76 0.71 21.16 20.94
N GLY D 77 -0.60 21.02 20.68
CA GLY D 77 -1.53 22.11 20.87
C GLY D 77 -1.54 23.14 19.77
N ALA D 78 -0.71 22.97 18.72
CA ALA D 78 -0.67 23.96 17.65
C ALA D 78 -1.92 23.86 16.78
N ARG D 79 -2.34 22.64 16.42
CA ARG D 79 -3.52 22.44 15.59
C ARG D 79 -4.75 22.27 16.44
N ILE D 80 -5.70 23.19 16.29
CA ILE D 80 -6.95 23.18 17.03
C ILE D 80 -8.09 23.37 16.03
N SER D 81 -9.17 22.64 16.23
CA SER D 81 -10.36 22.82 15.41
C SER D 81 -11.59 22.50 16.24
N TYR D 82 -12.70 23.16 15.89
CA TYR D 82 -13.97 23.01 16.57
C TYR D 82 -15.07 22.77 15.53
N THR D 83 -16.19 22.19 15.94
CA THR D 83 -17.35 22.04 15.06
C THR D 83 -17.67 23.43 14.60
N GLY D 84 -18.48 23.59 13.59
CA GLY D 84 -18.89 24.88 13.05
C GLY D 84 -19.84 25.62 13.97
N SER D 85 -20.70 24.89 14.67
CA SER D 85 -21.68 25.53 15.54
C SER D 85 -21.01 26.27 16.68
N VAL D 86 -19.95 25.70 17.25
CA VAL D 86 -19.27 26.26 18.40
C VAL D 86 -17.97 26.97 17.99
N LYS D 87 -17.87 27.40 16.73
CA LYS D 87 -16.66 28.02 16.22
C LYS D 87 -16.37 29.34 16.95
N GLY D 88 -15.28 29.37 17.71
CA GLY D 88 -14.84 30.57 18.40
C GLY D 88 -15.54 30.83 19.71
N ARG D 89 -16.51 30.00 20.10
CA ARG D 89 -17.24 30.19 21.36
C ARG D 89 -16.61 29.40 22.49
N PHE D 90 -16.27 28.14 22.25
CA PHE D 90 -15.61 27.30 23.24
C PHE D 90 -14.10 27.53 23.16
N THR D 91 -13.35 26.83 24.01
CA THR D 91 -11.89 26.91 24.00
C THR D 91 -11.34 25.65 24.64
N ILE D 92 -10.43 24.98 23.95
CA ILE D 92 -9.88 23.69 24.36
C ILE D 92 -8.40 23.87 24.64
N SER D 93 -7.93 23.27 25.73
CA SER D 93 -6.52 23.36 26.10
C SER D 93 -6.15 22.18 26.99
N ARG D 94 -4.95 21.65 26.76
CA ARG D 94 -4.46 20.48 27.49
C ARG D 94 -3.17 20.83 28.22
N ASP D 95 -3.05 20.33 29.44
CA ASP D 95 -1.85 20.46 30.26
C ASP D 95 -1.22 19.08 30.36
N ASN D 96 -0.17 18.85 29.57
CA ASN D 96 0.48 17.55 29.53
C ASN D 96 1.22 17.24 30.82
N ALA D 97 1.79 18.27 31.46
CA ALA D 97 2.53 18.05 32.71
C ALA D 97 1.60 17.51 33.78
N LYS D 98 0.41 18.10 33.91
CA LYS D 98 -0.60 17.58 34.82
C LYS D 98 -1.42 16.44 34.22
N ASN D 99 -1.32 16.22 32.91
CA ASN D 99 -2.09 15.18 32.22
C ASN D 99 -3.59 15.43 32.37
N THR D 100 -4.02 16.60 31.88
CA THR D 100 -5.41 17.02 31.96
C THR D 100 -5.82 17.72 30.68
N LEU D 101 -7.13 17.73 30.43
CA LEU D 101 -7.71 18.39 29.27
C LEU D 101 -8.87 19.25 29.76
N TYR D 102 -9.08 20.40 29.11
CA TYR D 102 -10.04 21.40 29.56
C TYR D 102 -10.80 21.95 28.36
N LEU D 103 -12.10 22.14 28.53
CA LEU D 103 -12.95 22.80 27.56
C LEU D 103 -13.68 23.94 28.24
N GLN D 104 -13.48 25.16 27.73
CA GLN D 104 -13.99 26.38 28.35
C GLN D 104 -15.22 26.83 27.56
N MET D 105 -16.41 26.49 28.06
CA MET D 105 -17.66 26.83 27.41
C MET D 105 -18.14 28.19 27.92
N ASN D 106 -18.30 29.14 27.00
CA ASN D 106 -18.76 30.49 27.31
C ASN D 106 -20.02 30.81 26.53
N SER D 107 -20.98 31.46 27.19
CA SER D 107 -22.23 31.89 26.56
C SER D 107 -23.01 30.68 26.04
N LEU D 108 -23.27 29.75 26.95
CA LEU D 108 -23.95 28.52 26.58
C LEU D 108 -25.39 28.80 26.15
N LYS D 109 -25.79 28.17 25.07
CA LYS D 109 -27.14 28.19 24.54
C LYS D 109 -27.88 26.92 24.95
N PRO D 110 -29.21 26.93 24.99
CA PRO D 110 -29.92 25.72 25.43
C PRO D 110 -29.80 24.56 24.46
N GLU D 111 -29.38 24.81 23.22
CA GLU D 111 -29.08 23.73 22.29
C GLU D 111 -27.78 23.00 22.63
N ASP D 112 -26.98 23.52 23.54
CA ASP D 112 -25.72 22.90 23.94
C ASP D 112 -25.89 21.86 25.03
N THR D 113 -27.11 21.65 25.53
CA THR D 113 -27.33 20.63 26.56
C THR D 113 -27.09 19.25 25.96
N ALA D 114 -26.24 18.46 26.63
CA ALA D 114 -25.84 17.15 26.12
C ALA D 114 -25.00 16.47 27.20
N VAL D 115 -24.58 15.25 26.91
CA VAL D 115 -23.63 14.51 27.74
C VAL D 115 -22.28 14.60 27.04
N TYR D 116 -21.32 15.25 27.67
CA TYR D 116 -20.03 15.52 27.05
C TYR D 116 -19.03 14.42 27.41
N TYR D 117 -18.39 13.85 26.40
CA TYR D 117 -17.42 12.79 26.54
C TYR D 117 -16.06 13.28 26.07
N CYS D 118 -15.02 12.76 26.73
CA CYS D 118 -13.63 13.15 26.53
C CYS D 118 -12.93 11.98 25.84
N ALA D 119 -12.99 11.97 24.51
CA ALA D 119 -12.54 10.82 23.73
C ALA D 119 -11.08 10.96 23.35
N ARG D 120 -10.44 9.81 23.14
CA ARG D 120 -9.04 9.72 22.79
C ARG D 120 -8.90 9.20 21.37
N CYS D 121 -7.91 9.71 20.65
CA CYS D 121 -7.57 9.14 19.37
C CYS D 121 -7.05 7.72 19.59
N PRO D 122 -7.40 6.75 18.72
CA PRO D 122 -7.12 5.35 19.06
C PRO D 122 -5.69 4.90 18.83
N ALA D 123 -4.83 5.75 18.27
CA ALA D 123 -3.44 5.39 18.02
C ALA D 123 -2.54 6.59 18.29
N PRO D 124 -1.30 6.39 18.71
CA PRO D 124 -0.39 7.52 18.90
C PRO D 124 0.34 7.89 17.62
N PHE D 125 0.73 9.16 17.55
CA PHE D 125 1.53 9.68 16.44
C PHE D 125 0.81 9.50 15.10
N THR D 126 -0.48 9.79 15.08
CA THR D 126 -1.27 9.73 13.86
C THR D 126 -2.17 10.96 13.78
N ARG D 127 -2.45 11.39 12.56
CA ARG D 127 -3.25 12.59 12.33
C ARG D 127 -4.74 12.28 12.13
N ASP D 128 -5.16 11.03 12.32
CA ASP D 128 -6.54 10.63 12.08
C ASP D 128 -7.08 9.93 13.32
N CYS D 129 -8.35 10.20 13.64
CA CYS D 129 -9.08 9.49 14.67
C CYS D 129 -10.34 8.92 14.02
N PHE D 130 -10.35 7.61 13.80
CA PHE D 130 -11.37 7.00 12.96
C PHE D 130 -12.73 6.89 13.65
N ASP D 131 -12.76 6.53 14.93
CA ASP D 131 -13.99 6.08 15.60
C ASP D 131 -14.25 6.92 16.85
N VAL D 132 -13.92 8.21 16.77
CA VAL D 132 -14.17 9.09 17.91
C VAL D 132 -15.64 9.18 18.25
N THR D 133 -16.53 9.06 17.26
CA THR D 133 -17.97 9.20 17.45
C THR D 133 -18.72 7.88 17.41
N SER D 134 -18.03 6.73 17.52
CA SER D 134 -18.68 5.43 17.49
C SER D 134 -19.60 5.25 18.69
N THR D 135 -20.66 4.47 18.49
CA THR D 135 -21.64 4.28 19.56
C THR D 135 -21.05 3.55 20.76
N THR D 136 -20.19 2.55 20.50
CA THR D 136 -19.61 1.70 21.53
C THR D 136 -18.09 1.81 21.58
N TYR D 137 -17.57 3.03 21.49
CA TYR D 137 -16.13 3.27 21.54
C TYR D 137 -15.59 2.86 22.89
N ALA D 138 -14.29 2.53 22.94
CA ALA D 138 -13.66 1.97 24.12
C ALA D 138 -12.81 2.96 24.90
N TYR D 139 -12.25 3.96 24.25
CA TYR D 139 -11.28 4.87 24.85
C TYR D 139 -11.91 6.21 25.21
N ARG D 140 -13.15 6.18 25.68
CA ARG D 140 -13.81 7.36 26.20
C ARG D 140 -14.74 6.95 27.32
N GLY D 141 -14.74 7.72 28.40
CA GLY D 141 -15.66 7.48 29.50
C GLY D 141 -15.94 8.74 30.28
N GLN D 142 -17.21 9.11 30.42
CA GLN D 142 -17.56 10.35 31.10
C GLN D 142 -19.08 10.47 31.16
N GLY D 143 -19.54 11.37 32.02
CA GLY D 143 -20.91 11.83 31.97
C GLY D 143 -21.06 13.18 32.64
N THR D 144 -21.58 14.17 31.90
CA THR D 144 -21.87 15.50 32.44
C THR D 144 -23.16 15.98 31.77
N GLN D 145 -24.30 15.74 32.44
CA GLN D 145 -25.58 16.13 31.90
C GLN D 145 -25.71 17.65 32.03
N VAL D 146 -25.05 18.36 31.12
CA VAL D 146 -25.08 19.81 31.13
C VAL D 146 -26.46 20.27 30.69
N THR D 147 -27.10 21.08 31.53
CA THR D 147 -28.42 21.63 31.23
C THR D 147 -28.47 23.06 31.74
N VAL D 148 -28.74 24.00 30.84
CA VAL D 148 -28.70 25.42 31.19
C VAL D 148 -30.02 25.84 31.84
N THR E 45 38.10 12.63 -37.15
CA THR E 45 37.34 11.70 -36.24
C THR E 45 36.09 12.37 -35.69
N SER E 46 35.35 13.07 -36.55
CA SER E 46 34.17 13.78 -36.13
C SER E 46 33.02 12.80 -35.88
N PHE E 47 31.95 13.32 -35.26
CA PHE E 47 30.73 12.56 -35.03
C PHE E 47 29.65 12.83 -36.06
N SER E 48 29.76 13.92 -36.82
CA SER E 48 28.77 14.25 -37.83
C SER E 48 28.79 13.31 -39.02
N ILE E 49 29.81 12.45 -39.14
CA ILE E 49 29.84 11.46 -40.20
C ILE E 49 28.69 10.47 -40.11
N LEU E 50 28.07 10.34 -38.92
CA LEU E 50 27.03 9.33 -38.73
C LEU E 50 25.75 9.63 -39.49
N MET E 51 25.60 10.84 -40.07
CA MET E 51 24.43 11.18 -40.86
C MET E 51 24.74 11.84 -42.20
N SER E 52 26.01 12.00 -42.57
CA SER E 52 26.31 12.61 -43.87
C SER E 52 27.73 12.24 -44.27
N PRO E 53 28.04 12.27 -45.58
CA PRO E 53 29.42 12.02 -46.02
C PRO E 53 30.25 13.29 -46.16
N PHE E 54 29.59 14.45 -46.17
CA PHE E 54 30.26 15.71 -46.47
C PHE E 54 31.37 16.00 -45.47
N VAL E 55 31.00 16.23 -44.22
CA VAL E 55 31.88 16.54 -43.09
C VAL E 55 33.02 17.45 -43.52
N PRO E 56 32.73 18.70 -43.92
CA PRO E 56 33.80 19.59 -44.38
C PRO E 56 34.83 19.86 -43.30
N SER E 57 36.07 20.05 -43.72
CA SER E 57 37.21 20.19 -42.81
C SER E 57 37.56 21.65 -42.56
N THR E 58 36.56 22.54 -42.56
CA THR E 58 36.84 23.95 -42.26
C THR E 58 37.35 24.13 -40.84
N ILE E 59 36.77 23.39 -39.89
CA ILE E 59 37.21 23.40 -38.50
C ILE E 59 37.36 21.94 -38.07
N PHE E 60 38.59 21.44 -38.05
CA PHE E 60 38.90 20.09 -37.59
C PHE E 60 38.95 19.96 -36.07
N PRO E 61 39.76 20.76 -35.36
CA PRO E 61 40.06 20.39 -33.96
C PRO E 61 38.88 20.52 -33.03
N VAL E 62 38.04 21.55 -33.18
CA VAL E 62 36.94 21.75 -32.24
C VAL E 62 35.96 20.58 -32.33
N VAL E 63 35.54 20.25 -33.56
CA VAL E 63 34.58 19.17 -33.73
C VAL E 63 35.20 17.81 -33.45
N LYS E 64 36.51 17.65 -33.69
CA LYS E 64 37.18 16.38 -33.40
C LYS E 64 37.42 16.16 -31.91
N TRP E 65 37.58 17.23 -31.13
CA TRP E 65 37.81 17.12 -29.70
C TRP E 65 36.52 17.08 -28.90
N ILE E 66 35.51 17.85 -29.29
CA ILE E 66 34.22 17.78 -28.61
C ILE E 66 33.65 16.37 -28.75
N THR E 67 33.80 15.77 -29.94
CA THR E 67 33.33 14.41 -30.15
C THR E 67 34.05 13.43 -29.22
N TYR E 68 35.37 13.54 -29.15
CA TYR E 68 36.14 12.58 -28.35
C TYR E 68 35.83 12.70 -26.87
N VAL E 69 35.79 13.94 -26.35
CA VAL E 69 35.53 14.10 -24.92
C VAL E 69 34.11 13.67 -24.60
N GLY E 70 33.14 14.04 -25.44
CA GLY E 70 31.77 13.62 -25.21
C GLY E 70 31.64 12.11 -25.21
N LEU E 71 32.28 11.44 -26.16
CA LEU E 71 32.22 9.98 -26.20
C LEU E 71 32.87 9.35 -24.97
N GLY E 72 34.05 9.84 -24.58
CA GLY E 72 34.73 9.26 -23.44
C GLY E 72 33.93 9.40 -22.16
N ILE E 73 33.49 10.62 -21.88
CA ILE E 73 32.71 10.83 -20.66
C ILE E 73 31.34 10.18 -20.76
N SER E 74 30.85 9.87 -21.97
CA SER E 74 29.51 9.25 -22.12
C SER E 74 29.65 7.76 -21.92
N ILE E 75 30.76 7.14 -22.29
CA ILE E 75 31.00 5.74 -21.92
C ILE E 75 31.20 5.62 -20.41
N GLY E 76 31.97 6.54 -19.83
CA GLY E 76 32.12 6.53 -18.37
C GLY E 76 30.79 6.71 -17.65
N SER E 77 29.99 7.68 -18.12
CA SER E 77 28.69 7.96 -17.51
C SER E 77 27.76 6.77 -17.63
N LEU E 78 27.77 6.10 -18.79
CA LEU E 78 26.88 4.96 -18.97
C LEU E 78 27.35 3.77 -18.13
N ILE E 79 28.66 3.60 -17.94
CA ILE E 79 29.14 2.60 -17.00
C ILE E 79 28.59 2.89 -15.60
N LEU E 80 28.66 4.15 -15.20
CA LEU E 80 28.08 4.53 -13.91
C LEU E 80 26.59 4.26 -13.87
N CYS E 81 25.90 4.48 -14.99
CA CYS E 81 24.46 4.26 -15.05
C CYS E 81 24.12 2.78 -14.84
N LEU E 82 24.86 1.89 -15.51
CA LEU E 82 24.65 0.46 -15.29
C LEU E 82 24.97 0.08 -13.85
N ILE E 83 26.02 0.67 -13.27
CA ILE E 83 26.41 0.32 -11.91
C ILE E 83 25.31 0.71 -10.92
N ILE E 84 24.79 1.94 -11.03
CA ILE E 84 23.79 2.39 -10.08
C ILE E 84 22.46 1.67 -10.31
N GLU E 85 22.07 1.50 -11.58
CA GLU E 85 20.81 0.82 -11.86
C GLU E 85 20.84 -0.65 -11.49
N ALA E 86 22.03 -1.26 -11.43
CA ALA E 86 22.16 -2.62 -10.93
C ALA E 86 21.83 -2.64 -9.44
N LEU E 87 21.06 -3.66 -9.04
CA LEU E 87 20.62 -3.91 -7.67
C LEU E 87 19.56 -2.93 -7.19
N PHE E 88 19.14 -1.96 -8.01
CA PHE E 88 18.02 -1.10 -7.61
C PHE E 88 16.73 -1.90 -7.57
N TRP E 89 16.50 -2.74 -8.58
CA TRP E 89 15.28 -3.54 -8.66
C TRP E 89 15.36 -4.75 -7.72
N GLN E 96 4.82 -5.74 -16.10
CA GLN E 96 4.47 -4.54 -15.33
C GLN E 96 5.22 -3.33 -15.89
N THR E 97 4.70 -2.13 -15.61
CA THR E 97 5.28 -0.92 -16.16
C THR E 97 6.72 -0.72 -15.70
N SER E 98 6.96 -0.93 -14.40
CA SER E 98 8.30 -0.71 -13.86
C SER E 98 9.30 -1.69 -14.48
N HIS E 99 8.92 -2.96 -14.59
CA HIS E 99 9.83 -3.96 -15.15
C HIS E 99 10.14 -3.67 -16.62
N THR E 100 9.11 -3.35 -17.41
CA THR E 100 9.31 -3.05 -18.82
C THR E 100 10.19 -1.82 -19.00
N ARG E 101 9.93 -0.76 -18.24
CA ARG E 101 10.74 0.44 -18.32
C ARG E 101 12.18 0.16 -17.91
N ARG E 102 12.38 -0.65 -16.87
CA ARG E 102 13.73 -0.94 -16.40
C ARG E 102 14.51 -1.74 -17.44
N ILE E 103 13.90 -2.76 -18.04
CA ILE E 103 14.64 -3.54 -19.03
C ILE E 103 14.91 -2.70 -20.27
N CYS E 104 13.98 -1.81 -20.63
CA CYS E 104 14.25 -0.90 -21.74
C CYS E 104 15.43 0.02 -21.42
N MET E 105 15.49 0.53 -20.19
CA MET E 105 16.57 1.42 -19.81
C MET E 105 17.92 0.72 -19.83
N VAL E 106 17.99 -0.50 -19.26
CA VAL E 106 19.27 -1.18 -19.24
C VAL E 106 19.68 -1.59 -20.66
N ASN E 107 18.72 -1.99 -21.49
CA ASN E 107 19.07 -2.39 -22.85
C ASN E 107 19.56 -1.21 -23.67
N ILE E 108 18.88 -0.05 -23.57
CA ILE E 108 19.31 1.11 -24.35
C ILE E 108 20.65 1.62 -23.83
N ALA E 109 20.87 1.57 -22.51
CA ALA E 109 22.17 1.97 -21.97
C ALA E 109 23.28 1.05 -22.47
N LEU E 110 23.05 -0.26 -22.46
CA LEU E 110 24.05 -1.19 -22.96
C LEU E 110 24.33 -0.95 -24.43
N SER E 111 23.27 -0.72 -25.22
CA SER E 111 23.45 -0.49 -26.65
C SER E 111 24.27 0.76 -26.89
N LEU E 112 23.97 1.85 -26.18
CA LEU E 112 24.77 3.06 -26.33
C LEU E 112 26.22 2.84 -25.91
N LEU E 113 26.43 2.15 -24.79
CA LEU E 113 27.79 1.89 -24.32
C LEU E 113 28.60 1.16 -25.39
N ILE E 114 28.05 0.07 -25.91
CA ILE E 114 28.77 -0.71 -26.91
C ILE E 114 28.92 0.11 -28.19
N ALA E 115 27.93 0.94 -28.52
CA ALA E 115 27.97 1.69 -29.76
C ALA E 115 29.12 2.71 -29.76
N ASP E 116 29.21 3.53 -28.71
CA ASP E 116 30.35 4.45 -28.66
C ASP E 116 31.68 3.75 -28.46
N VAL E 117 31.73 2.61 -27.75
CA VAL E 117 33.00 1.90 -27.62
C VAL E 117 33.48 1.43 -28.99
N TRP E 118 32.58 0.81 -29.77
CA TRP E 118 32.97 0.32 -31.08
C TRP E 118 33.24 1.48 -32.04
N PHE E 119 32.54 2.60 -31.90
CA PHE E 119 32.85 3.75 -32.73
C PHE E 119 34.24 4.29 -32.42
N ILE E 120 34.63 4.29 -31.15
CA ILE E 120 35.96 4.76 -30.78
C ILE E 120 37.01 3.85 -31.40
N VAL E 121 36.87 2.53 -31.24
CA VAL E 121 37.92 1.65 -31.76
C VAL E 121 37.92 1.66 -33.28
N GLY E 122 36.77 1.88 -33.91
CA GLY E 122 36.75 2.02 -35.36
C GLY E 122 37.40 3.29 -35.86
N ALA E 123 37.16 4.41 -35.16
CA ALA E 123 37.66 5.70 -35.62
C ALA E 123 39.16 5.86 -35.34
N THR E 124 39.64 5.34 -34.21
CA THR E 124 41.05 5.50 -33.88
C THR E 124 41.94 4.75 -34.87
N VAL E 125 41.50 3.59 -35.34
CA VAL E 125 42.26 2.81 -36.31
C VAL E 125 41.93 3.28 -37.71
N GLY E 133 41.46 -6.15 -42.17
CA GLY E 133 40.16 -5.53 -42.37
C GLY E 133 39.28 -5.64 -41.13
N VAL E 134 39.88 -5.41 -39.96
CA VAL E 134 39.13 -5.48 -38.71
C VAL E 134 38.10 -4.36 -38.65
N CYS E 135 38.46 -3.16 -39.13
CA CYS E 135 37.52 -2.05 -39.05
C CYS E 135 36.36 -2.23 -40.02
N THR E 136 36.52 -3.06 -41.05
CA THR E 136 35.38 -3.41 -41.88
C THR E 136 34.31 -4.14 -41.07
N ALA E 137 34.73 -5.01 -40.15
CA ALA E 137 33.77 -5.62 -39.23
C ALA E 137 33.32 -4.65 -38.16
N ALA E 138 34.19 -3.70 -37.78
CA ALA E 138 33.79 -2.69 -36.82
C ALA E 138 32.65 -1.83 -37.35
N VAL E 139 32.65 -1.57 -38.67
CA VAL E 139 31.56 -0.83 -39.28
C VAL E 139 30.25 -1.59 -39.10
N PHE E 140 30.28 -2.91 -39.35
CA PHE E 140 29.08 -3.72 -39.16
C PHE E 140 28.61 -3.69 -37.72
N PHE E 141 29.54 -3.84 -36.78
CA PHE E 141 29.16 -3.84 -35.36
C PHE E 141 28.55 -2.51 -34.95
N THR E 142 29.16 -1.41 -35.38
CA THR E 142 28.63 -0.09 -35.05
C THR E 142 27.26 0.12 -35.66
N HIS E 143 27.08 -0.27 -36.93
CA HIS E 143 25.78 -0.15 -37.57
C HIS E 143 24.72 -0.95 -36.82
N PHE E 144 25.02 -2.20 -36.51
CA PHE E 144 24.05 -3.07 -35.85
C PHE E 144 23.68 -2.53 -34.48
N PHE E 145 24.67 -2.07 -33.71
CA PHE E 145 24.37 -1.65 -32.35
C PHE E 145 23.67 -0.30 -32.32
N TYR E 146 24.02 0.61 -33.23
CA TYR E 146 23.29 1.87 -33.30
C TYR E 146 21.84 1.64 -33.72
N LEU E 147 21.62 0.73 -34.67
CA LEU E 147 20.23 0.44 -35.04
C LEU E 147 19.48 -0.25 -33.91
N SER E 148 20.16 -1.11 -33.15
CA SER E 148 19.52 -1.74 -32.00
C SER E 148 19.11 -0.69 -30.97
N LEU E 149 20.00 0.27 -30.70
CA LEU E 149 19.67 1.35 -29.77
C LEU E 149 18.50 2.16 -30.29
N PHE E 150 18.47 2.46 -31.58
CA PHE E 150 17.39 3.27 -32.12
C PHE E 150 16.06 2.53 -32.03
N PHE E 151 16.08 1.22 -32.28
CA PHE E 151 14.83 0.47 -32.18
C PHE E 151 14.39 0.30 -30.74
N TRP E 152 15.33 0.23 -29.79
CA TRP E 152 14.93 0.27 -28.38
C TRP E 152 14.29 1.62 -28.04
N MET E 153 14.82 2.70 -28.62
CA MET E 153 14.22 4.02 -28.44
C MET E 153 12.79 4.04 -28.97
N LEU E 154 12.59 3.49 -30.18
CA LEU E 154 11.26 3.42 -30.75
C LEU E 154 10.34 2.58 -29.87
N MET E 155 10.86 1.48 -29.34
CA MET E 155 10.04 0.61 -28.50
C MET E 155 9.60 1.33 -27.23
N LEU E 156 10.51 2.07 -26.61
CA LEU E 156 10.13 2.84 -25.42
C LEU E 156 9.08 3.89 -25.77
N GLY E 157 9.26 4.57 -26.90
CA GLY E 157 8.28 5.58 -27.30
C GLY E 157 6.91 4.99 -27.55
N ILE E 158 6.85 3.89 -28.29
CA ILE E 158 5.55 3.31 -28.65
C ILE E 158 4.89 2.70 -27.42
N LEU E 159 5.69 2.12 -26.50
CA LEU E 159 5.12 1.63 -25.25
C LEU E 159 4.53 2.76 -24.43
N LEU E 160 5.23 3.90 -24.36
CA LEU E 160 4.68 5.04 -23.62
C LEU E 160 3.38 5.52 -24.25
N ALA E 161 3.33 5.58 -25.58
CA ALA E 161 2.11 6.00 -26.25
C ALA E 161 0.97 5.04 -25.97
N TYR E 162 1.24 3.73 -26.05
CA TYR E 162 0.20 2.74 -25.82
C TYR E 162 -0.26 2.72 -24.37
N ARG E 163 0.65 3.02 -23.43
CA ARG E 163 0.30 3.05 -22.02
C ARG E 163 -0.46 4.31 -21.63
N ILE E 164 -0.28 5.41 -22.36
CA ILE E 164 -1.02 6.62 -22.07
C ILE E 164 -2.36 6.67 -22.82
N ILE E 165 -2.47 6.01 -23.97
CA ILE E 165 -3.67 6.09 -24.79
C ILE E 165 -4.62 4.92 -24.53
N LEU E 166 -4.08 3.72 -24.31
CA LEU E 166 -4.89 2.51 -24.26
C LEU E 166 -4.87 1.90 -22.86
N VAL E 167 -5.07 2.75 -21.84
CA VAL E 167 -5.31 2.23 -20.51
C VAL E 167 -6.55 1.32 -20.53
N PHE E 168 -6.60 0.39 -19.58
CA PHE E 168 -7.54 -0.72 -19.46
C PHE E 168 -7.20 -1.87 -20.41
N HIS E 169 -6.22 -1.72 -21.30
CA HIS E 169 -5.78 -2.78 -22.22
C HIS E 169 -4.38 -3.21 -21.78
N HIS E 170 -4.33 -4.22 -20.91
CA HIS E 170 -3.07 -4.76 -20.39
C HIS E 170 -2.70 -5.99 -21.19
N MET E 171 -1.55 -5.95 -21.84
CA MET E 171 -1.06 -7.08 -22.62
C MET E 171 -0.25 -8.01 -21.73
N ALA E 172 -0.13 -9.26 -22.18
CA ALA E 172 0.61 -10.25 -21.40
C ALA E 172 2.08 -9.88 -21.31
N GLN E 173 2.68 -10.16 -20.15
CA GLN E 173 4.06 -9.75 -19.91
C GLN E 173 5.02 -10.48 -20.85
N HIS E 174 4.86 -11.80 -20.99
CA HIS E 174 5.77 -12.57 -21.82
C HIS E 174 5.73 -12.10 -23.27
N LEU E 175 4.53 -11.87 -23.80
CA LEU E 175 4.40 -11.31 -25.14
C LEU E 175 5.05 -9.93 -25.21
N MET E 176 4.94 -9.15 -24.14
CA MET E 176 5.50 -7.81 -24.12
C MET E 176 7.02 -7.85 -24.27
N MET E 177 7.71 -8.60 -23.40
CA MET E 177 9.16 -8.68 -23.52
C MET E 177 9.60 -9.38 -24.79
N ALA E 178 8.83 -10.37 -25.28
CA ALA E 178 9.20 -11.04 -26.52
C ALA E 178 9.17 -10.05 -27.69
N VAL E 179 8.09 -9.28 -27.80
CA VAL E 179 7.98 -8.30 -28.87
C VAL E 179 9.09 -7.26 -28.74
N GLY E 180 9.37 -6.83 -27.51
CA GLY E 180 10.41 -5.82 -27.34
C GLY E 180 11.78 -6.31 -27.75
N PHE E 181 12.16 -7.50 -27.29
CA PHE E 181 13.47 -8.04 -27.65
C PHE E 181 13.56 -8.27 -29.15
N CYS E 182 12.49 -8.78 -29.76
CA CYS E 182 12.49 -9.01 -31.20
C CYS E 182 12.69 -7.70 -31.95
N LEU E 183 11.80 -6.73 -31.75
CA LEU E 183 11.90 -5.48 -32.50
C LEU E 183 13.16 -4.70 -32.15
N GLY E 184 13.77 -4.95 -31.00
CA GLY E 184 14.96 -4.22 -30.63
C GLY E 184 16.26 -4.82 -31.14
N TYR E 185 16.29 -6.13 -31.36
CA TYR E 185 17.51 -6.83 -31.77
C TYR E 185 17.42 -7.46 -33.15
N GLY E 186 16.38 -8.24 -33.43
CA GLY E 186 16.36 -9.03 -34.64
C GLY E 186 16.33 -8.18 -35.91
N CYS E 187 15.49 -7.14 -35.91
CA CYS E 187 15.41 -6.28 -37.09
C CYS E 187 16.71 -5.54 -37.38
N PRO E 188 17.41 -4.96 -36.40
CA PRO E 188 18.76 -4.44 -36.70
C PRO E 188 19.71 -5.48 -37.27
N LEU E 189 19.64 -6.73 -36.77
CA LEU E 189 20.47 -7.78 -37.33
C LEU E 189 20.11 -8.05 -38.79
N ILE E 190 18.80 -8.05 -39.09
CA ILE E 190 18.37 -8.23 -40.47
C ILE E 190 18.89 -7.11 -41.35
N ILE E 191 18.82 -5.88 -40.87
CA ILE E 191 19.30 -4.73 -41.65
C ILE E 191 20.79 -4.85 -41.90
N SER E 192 21.56 -5.21 -40.87
CA SER E 192 23.01 -5.33 -41.01
C SER E 192 23.37 -6.41 -42.02
N VAL E 193 22.76 -7.59 -41.89
CA VAL E 193 23.14 -8.69 -42.79
C VAL E 193 22.70 -8.38 -44.21
N ILE E 194 21.50 -7.82 -44.40
CA ILE E 194 21.04 -7.59 -45.76
C ILE E 194 21.88 -6.50 -46.43
N THR E 195 22.22 -5.43 -45.70
CA THR E 195 22.99 -4.37 -46.34
C THR E 195 24.43 -4.81 -46.62
N ILE E 196 25.06 -5.54 -45.69
CA ILE E 196 26.42 -5.98 -45.94
C ILE E 196 26.44 -7.00 -47.07
N ALA E 197 25.42 -7.85 -47.16
CA ALA E 197 25.32 -8.78 -48.29
C ALA E 197 25.15 -8.03 -49.60
N VAL E 198 24.32 -6.98 -49.60
CA VAL E 198 24.05 -6.25 -50.84
C VAL E 198 25.32 -5.57 -51.33
N THR E 199 26.00 -4.83 -50.45
CA THR E 199 27.16 -4.06 -50.88
C THR E 199 28.47 -4.85 -50.85
N GLN E 200 28.45 -6.09 -50.35
CA GLN E 200 29.61 -6.98 -50.42
C GLN E 200 29.17 -8.39 -50.76
N TYR E 205 31.77 -0.69 -49.52
CA TYR E 205 31.03 -0.70 -48.27
C TYR E 205 31.46 0.51 -47.43
N LYS E 206 32.62 0.43 -46.80
CA LYS E 206 33.11 1.50 -45.95
C LYS E 206 33.62 2.66 -46.80
N ARG E 207 34.10 3.71 -46.14
CA ARG E 207 34.67 4.86 -46.82
C ARG E 207 36.11 4.57 -47.22
N LYS E 208 36.62 5.39 -48.15
CA LYS E 208 37.96 5.18 -48.67
C LYS E 208 39.02 5.33 -47.57
N ASP E 209 38.88 6.36 -46.72
CA ASP E 209 39.81 6.62 -45.63
C ASP E 209 39.12 6.74 -44.27
N VAL E 210 37.85 6.34 -44.17
CA VAL E 210 37.10 6.37 -42.92
C VAL E 210 36.41 5.02 -42.77
N CYS E 211 36.49 4.44 -41.58
CA CYS E 211 35.89 3.13 -41.31
C CYS E 211 34.42 3.32 -40.94
N TRP E 212 33.63 3.69 -41.95
CA TRP E 212 32.20 3.82 -41.83
C TRP E 212 31.63 3.76 -43.24
N LEU E 213 30.38 3.32 -43.35
CA LEU E 213 29.73 3.17 -44.65
C LEU E 213 29.70 4.50 -45.40
N ASN E 214 29.93 4.42 -46.72
CA ASN E 214 30.17 5.56 -47.58
C ASN E 214 28.88 6.01 -48.26
N TRP E 215 29.02 6.90 -49.24
CA TRP E 215 27.90 7.45 -50.01
C TRP E 215 27.92 7.04 -51.48
N SER E 216 29.03 7.30 -52.19
CA SER E 216 29.05 7.06 -53.63
C SER E 216 28.89 5.58 -53.94
N ASN E 217 29.80 4.75 -53.42
CA ASN E 217 29.67 3.30 -53.54
C ASN E 217 28.72 2.71 -52.50
N GLY E 218 28.31 3.49 -51.50
CA GLY E 218 27.49 2.99 -50.41
C GLY E 218 26.29 3.88 -50.10
N SER E 219 25.66 4.43 -51.15
CA SER E 219 24.50 5.28 -50.94
C SER E 219 23.38 4.53 -50.23
N LYS E 220 23.15 3.27 -50.65
CA LYS E 220 22.13 2.47 -49.98
C LYS E 220 22.46 2.20 -48.52
N PRO E 221 23.70 1.87 -48.13
CA PRO E 221 24.02 1.80 -46.70
C PRO E 221 23.62 3.02 -45.87
N LEU E 222 24.05 4.22 -46.26
CA LEU E 222 23.75 5.38 -45.43
C LEU E 222 22.29 5.79 -45.55
N LEU E 223 21.64 5.49 -46.67
CA LEU E 223 20.20 5.65 -46.73
C LEU E 223 19.50 4.72 -45.74
N ALA E 224 20.00 3.48 -45.64
CA ALA E 224 19.42 2.50 -44.73
C ALA E 224 19.73 2.83 -43.27
N PHE E 225 20.76 3.62 -43.02
CA PHE E 225 20.97 4.15 -41.67
C PHE E 225 20.17 5.41 -41.38
N VAL E 226 19.90 6.22 -42.40
CA VAL E 226 19.26 7.51 -42.18
C VAL E 226 17.74 7.34 -42.08
N VAL E 227 17.13 6.62 -43.03
CA VAL E 227 15.67 6.54 -43.07
C VAL E 227 15.08 5.91 -41.80
N PRO E 228 15.60 4.82 -41.24
CA PRO E 228 15.00 4.34 -39.98
C PRO E 228 15.29 5.28 -38.83
N ALA E 229 16.45 5.93 -38.83
CA ALA E 229 16.76 6.89 -37.78
C ALA E 229 15.80 8.07 -37.81
N LEU E 230 15.57 8.63 -39.00
CA LEU E 230 14.66 9.77 -39.10
C LEU E 230 13.23 9.35 -38.80
N ALA E 231 12.82 8.17 -39.25
CA ALA E 231 11.47 7.70 -38.94
C ALA E 231 11.29 7.51 -37.44
N ILE E 232 12.29 6.93 -36.77
CA ILE E 232 12.20 6.68 -35.33
C ILE E 232 12.18 7.99 -34.57
N VAL E 233 13.00 8.96 -34.99
CA VAL E 233 12.98 10.25 -34.33
C VAL E 233 11.66 10.96 -34.56
N ALA E 234 11.07 10.80 -35.74
CA ALA E 234 9.77 11.43 -36.02
C ALA E 234 8.67 10.85 -35.14
N VAL E 235 8.58 9.52 -35.06
CA VAL E 235 7.53 8.92 -34.24
C VAL E 235 7.78 9.20 -32.76
N ASN E 236 9.04 9.25 -32.34
CA ASN E 236 9.33 9.62 -30.96
C ASN E 236 8.90 11.07 -30.69
N PHE E 237 9.11 11.96 -31.65
CA PHE E 237 8.63 13.32 -31.49
C PHE E 237 7.11 13.36 -31.38
N VAL E 238 6.42 12.53 -32.17
CA VAL E 238 4.96 12.51 -32.14
C VAL E 238 4.47 12.04 -30.78
N VAL E 239 5.04 10.94 -30.27
CA VAL E 239 4.56 10.44 -28.97
C VAL E 239 4.96 11.38 -27.85
N VAL E 240 6.09 12.08 -27.96
CA VAL E 240 6.45 13.07 -26.94
C VAL E 240 5.47 14.23 -26.96
N LEU E 241 5.08 14.69 -28.15
CA LEU E 241 4.08 15.74 -28.24
C LEU E 241 2.76 15.30 -27.63
N LEU E 242 2.36 14.06 -27.90
CA LEU E 242 1.12 13.53 -27.33
C LEU E 242 1.21 13.46 -25.81
N VAL E 243 2.34 13.02 -25.28
CA VAL E 243 2.51 12.92 -23.83
C VAL E 243 2.45 14.31 -23.20
N LEU E 244 3.10 15.29 -23.83
CA LEU E 244 3.04 16.65 -23.31
C LEU E 244 1.61 17.19 -23.33
N THR E 245 0.86 16.86 -24.40
CA THR E 245 -0.53 17.29 -24.47
C THR E 245 -1.35 16.68 -23.33
N LYS E 246 -1.14 15.39 -23.05
CA LYS E 246 -1.84 14.73 -21.96
C LYS E 246 -1.31 15.12 -20.59
N LEU E 247 -0.15 15.79 -20.51
CA LEU E 247 0.43 16.21 -19.24
C LEU E 247 0.31 17.71 -18.98
N TRP E 248 0.12 18.52 -20.02
CA TRP E 248 0.01 19.96 -19.86
C TRP E 248 -1.38 20.33 -19.33
N THR E 263 1.30 24.70 -14.41
CA THR E 263 1.90 23.52 -15.02
C THR E 263 2.98 23.91 -16.02
N ILE E 264 3.75 24.93 -15.66
CA ILE E 264 4.81 25.42 -16.54
C ILE E 264 6.15 24.74 -16.26
N ILE E 265 6.35 24.19 -15.06
CA ILE E 265 7.60 23.54 -14.69
C ILE E 265 7.48 22.03 -14.92
N ARG E 266 6.27 21.49 -14.79
CA ARG E 266 6.10 20.05 -15.03
C ARG E 266 6.33 19.69 -16.49
N VAL E 267 5.88 20.53 -17.42
CA VAL E 267 6.13 20.28 -18.83
C VAL E 267 7.63 20.34 -19.12
N GLY E 268 8.33 21.30 -18.54
CA GLY E 268 9.77 21.36 -18.70
C GLY E 268 10.46 20.14 -18.12
N LYS E 269 9.99 19.68 -16.95
CA LYS E 269 10.56 18.48 -16.34
C LYS E 269 10.38 17.26 -17.24
N SER E 270 9.18 17.12 -17.82
CA SER E 270 8.89 15.97 -18.67
C SER E 270 9.74 16.00 -19.94
N LEU E 271 9.83 17.16 -20.59
CA LEU E 271 10.66 17.27 -21.78
C LEU E 271 12.12 17.01 -21.44
N LEU E 272 12.57 17.54 -20.30
CA LEU E 272 13.96 17.40 -19.88
C LEU E 272 14.31 15.94 -19.64
N ILE E 273 13.43 15.19 -18.99
CA ILE E 273 13.71 13.78 -18.74
C ILE E 273 13.49 12.90 -19.96
N LEU E 274 12.64 13.31 -20.91
CA LEU E 274 12.31 12.45 -22.04
C LEU E 274 13.25 12.64 -23.24
N THR E 275 13.73 13.86 -23.49
CA THR E 275 14.51 14.10 -24.71
C THR E 275 15.77 13.25 -24.78
N PRO E 276 16.60 13.13 -23.74
CA PRO E 276 17.78 12.25 -23.87
C PRO E 276 17.40 10.79 -24.02
N LEU E 277 16.43 10.30 -23.24
CA LEU E 277 16.10 8.88 -23.28
C LEU E 277 15.47 8.50 -24.61
N LEU E 278 14.60 9.35 -25.16
CA LEU E 278 14.00 9.10 -26.47
C LEU E 278 14.85 9.63 -27.61
N GLY E 279 15.90 10.40 -27.34
CA GLY E 279 16.86 10.81 -28.35
C GLY E 279 16.28 11.59 -29.51
N LEU E 280 15.47 12.62 -29.22
CA LEU E 280 15.01 13.50 -30.28
C LEU E 280 16.14 14.35 -30.86
N THR E 281 17.27 14.47 -30.13
CA THR E 281 18.38 15.30 -30.60
C THR E 281 18.92 14.81 -31.94
N TRP E 282 18.85 13.50 -32.20
CA TRP E 282 19.30 12.94 -33.47
C TRP E 282 18.55 13.54 -34.65
N GLY E 283 17.36 14.11 -34.43
CA GLY E 283 16.65 14.77 -35.51
C GLY E 283 17.44 15.90 -36.14
N PHE E 284 18.35 16.52 -35.38
CA PHE E 284 19.20 17.57 -35.96
C PHE E 284 20.04 17.05 -37.12
N GLY E 285 20.29 15.74 -37.18
CA GLY E 285 20.97 15.15 -38.31
C GLY E 285 20.30 15.43 -39.64
N ILE E 286 19.00 15.74 -39.63
CA ILE E 286 18.30 16.25 -40.82
C ILE E 286 19.14 17.31 -41.51
N GLY E 287 19.52 18.35 -40.77
CA GLY E 287 20.30 19.42 -41.36
C GLY E 287 21.63 18.93 -41.90
N THR E 288 22.22 17.95 -41.23
CA THR E 288 23.51 17.43 -41.68
C THR E 288 23.42 16.77 -43.05
N ILE E 289 22.23 16.37 -43.48
CA ILE E 289 22.02 15.79 -44.82
C ILE E 289 21.24 16.75 -45.72
N VAL E 290 21.02 17.99 -45.29
CA VAL E 290 20.32 18.99 -46.09
C VAL E 290 21.21 20.23 -46.21
N ASP E 291 21.71 20.70 -45.06
CA ASP E 291 22.51 21.92 -44.98
C ASP E 291 23.91 21.58 -44.47
N SER E 292 24.52 20.53 -45.05
CA SER E 292 25.83 20.07 -44.60
C SER E 292 26.92 21.13 -44.75
N GLN E 293 26.70 22.16 -45.59
CA GLN E 293 27.70 23.20 -45.75
C GLN E 293 27.96 23.93 -44.43
N ASN E 294 26.90 24.19 -43.68
CA ASN E 294 27.01 24.92 -42.38
C ASN E 294 27.63 23.99 -41.33
N LEU E 295 28.50 24.52 -40.47
CA LEU E 295 29.16 23.75 -39.42
C LEU E 295 28.47 23.85 -38.06
N ALA E 296 27.60 24.85 -37.86
CA ALA E 296 26.90 24.97 -36.58
C ALA E 296 26.07 23.72 -36.31
N TRP E 297 25.40 23.20 -37.34
CA TRP E 297 24.59 22.02 -37.14
C TRP E 297 25.47 20.81 -36.83
N HIS E 298 26.62 20.72 -37.49
CA HIS E 298 27.55 19.62 -37.21
C HIS E 298 28.01 19.66 -35.75
N VAL E 299 28.40 20.83 -35.25
CA VAL E 299 28.95 20.89 -33.91
C VAL E 299 27.86 20.63 -32.86
N ILE E 300 26.66 21.19 -33.05
CA ILE E 300 25.62 20.95 -32.04
C ILE E 300 25.18 19.48 -32.08
N PHE E 301 25.11 18.89 -33.27
CA PHE E 301 24.82 17.47 -33.39
C PHE E 301 25.86 16.65 -32.64
N ALA E 302 27.14 16.92 -32.89
CA ALA E 302 28.20 16.15 -32.25
C ALA E 302 28.13 16.30 -30.74
N LEU E 303 27.94 17.53 -30.25
CA LEU E 303 27.87 17.78 -28.82
C LEU E 303 26.74 17.00 -28.19
N LEU E 304 25.52 17.13 -28.73
CA LEU E 304 24.36 16.50 -28.09
C LEU E 304 24.45 14.99 -28.15
N ASN E 305 24.76 14.43 -29.31
CA ASN E 305 24.75 12.98 -29.46
C ASN E 305 26.05 12.33 -28.99
N ALA E 306 27.03 13.11 -28.55
CA ALA E 306 28.17 12.57 -27.82
C ALA E 306 28.00 12.66 -26.31
N PHE E 307 27.25 13.65 -25.83
CA PHE E 307 26.97 13.82 -24.41
C PHE E 307 25.64 13.20 -24.00
N GLN E 308 24.97 12.49 -24.91
CA GLN E 308 23.72 11.80 -24.58
C GLN E 308 23.86 10.89 -23.37
N GLY E 309 24.97 10.18 -23.23
CA GLY E 309 25.14 9.32 -22.07
C GLY E 309 25.20 10.09 -20.77
N PHE E 310 25.98 11.17 -20.75
CA PHE E 310 26.03 12.04 -19.57
C PHE E 310 24.67 12.62 -19.28
N PHE E 311 23.93 13.00 -20.33
CA PHE E 311 22.59 13.56 -20.16
C PHE E 311 21.69 12.53 -19.50
N ILE E 312 21.75 11.29 -19.96
CA ILE E 312 20.89 10.24 -19.39
C ILE E 312 21.22 10.12 -17.91
N LEU E 313 22.51 9.91 -17.59
CA LEU E 313 22.89 9.67 -16.20
C LEU E 313 22.55 10.85 -15.31
N CYS E 314 22.61 12.07 -15.84
CA CYS E 314 22.32 13.25 -15.05
C CYS E 314 20.83 13.55 -15.04
N PHE E 315 20.23 13.63 -16.23
CA PHE E 315 18.88 14.17 -16.33
C PHE E 315 17.84 13.17 -15.83
N GLY E 316 18.15 11.87 -15.82
CA GLY E 316 17.19 10.90 -15.34
C GLY E 316 17.22 10.72 -13.83
N ILE E 317 18.37 10.96 -13.21
CA ILE E 317 18.62 10.45 -11.86
C ILE E 317 18.44 11.57 -10.85
N LEU E 318 19.12 12.71 -11.06
CA LEU E 318 18.93 13.85 -10.18
C LEU E 318 17.50 14.38 -10.24
N LEU E 319 16.88 14.34 -11.42
CA LEU E 319 15.48 14.72 -11.52
C LEU E 319 14.59 13.76 -10.73
N ASP E 320 15.01 12.50 -10.63
CA ASP E 320 14.31 11.52 -9.80
C ASP E 320 14.63 11.77 -8.34
N SER E 321 13.73 12.46 -7.64
CA SER E 321 13.93 12.73 -6.22
C SER E 321 13.93 11.44 -5.40
N LYS E 322 13.07 10.49 -5.79
CA LYS E 322 13.03 9.19 -5.12
C LYS E 322 14.39 8.50 -5.16
N LEU E 323 14.96 8.38 -6.37
CA LEU E 323 16.23 7.67 -6.48
C LEU E 323 17.38 8.50 -5.94
N ARG E 324 17.28 9.82 -6.01
CA ARG E 324 18.30 10.67 -5.39
C ARG E 324 18.33 10.46 -3.89
N GLN E 325 17.16 10.35 -3.26
CA GLN E 325 17.13 10.04 -1.83
C GLN E 325 17.61 8.62 -1.57
N LEU E 326 17.21 7.66 -2.41
CA LEU E 326 17.57 6.27 -2.19
C LEU E 326 19.07 6.04 -2.34
C0A LPC F . -2.60 2.61 -31.12
C0B LPC F . -0.94 1.65 -29.63
C0C LPC F . -0.43 3.68 -30.84
N1 LPC F . -1.14 2.36 -30.92
C2 LPC F . -0.58 1.48 -32.00
C3 LPC F . 0.87 1.07 -31.88
O4 LPC F . 1.26 0.15 -32.87
P5 LPC F . 1.50 0.69 -34.41
O5A LPC F . 1.84 2.15 -34.38
O5B LPC F . 0.42 0.19 -35.33
O6 LPC F . 2.86 -0.20 -34.60
C7 LPC F . 4.04 0.46 -34.98
C8 LPC F . 5.23 -0.37 -34.52
O8 LPC F . 6.35 -0.20 -35.35
C9 LPC F . 4.80 -1.83 -34.40
OQ1 LPC F . 5.00 -4.32 -32.32
OQ2 LPC F . 4.92 -2.22 -33.04
CA LPC F . 4.36 -3.36 -32.68
CB LPC F . 2.86 -3.30 -32.76
CC LPC F . 2.21 -2.73 -31.52
CD LPC F . 2.30 -3.69 -30.32
CE LPC F . 2.25 -2.97 -28.98
CF LPC F . 2.52 -3.92 -27.81
CG LPC F . 3.35 -3.28 -26.70
CH LPC F . 4.75 -2.86 -27.14
CI LPC F . 5.68 -2.53 -25.98
CJ LPC F . 6.22 -3.77 -25.26
CK LPC F . 7.35 -3.47 -24.28
CL LPC F . 8.37 -4.59 -24.15
CM LPC F . 9.77 -4.10 -23.80
CN LPC F . 9.85 -3.44 -22.44
#